data_3IX8
#
_entry.id   3IX8
#
_cell.length_a   54.182
_cell.length_b   85.214
_cell.length_c   76.596
_cell.angle_alpha   90.00
_cell.angle_beta   96.44
_cell.angle_gamma   90.00
#
_symmetry.space_group_name_H-M   'P 1 21 1'
#
loop_
_entity.id
_entity.type
_entity.pdbx_description
1 polymer 'Transcriptional activator protein lasR'
2 non-polymer '2,4-dibromo-6-({[(2-chlorophenyl)carbonyl]amino}methyl)phenyl 2-methylbenzoate'
3 water water
#
_entity_poly.entity_id   1
_entity_poly.type   'polypeptide(L)'
_entity_poly.pdbx_seq_one_letter_code
;MALVDGFLELERSSGKLEWSAILQKMASDLGFSKILFGLLPKDSQDYENAFIVGNYPAAWREHYDRAGYARVDPTVSHCT
QSVLPIFWEPSIYQTRKQHEFFEEASAAGLVYGLTMPLHGARGELGALSLSVEAENRAEANRFMESVLPTLWMLKDYALQ
SGAGLAFEHPVSK
;
_entity_poly.pdbx_strand_id   A,B,C,D
#
# COMPACT_ATOMS: atom_id res chain seq x y z
N ALA A 2 -21.27 -3.10 30.77
CA ALA A 2 -22.32 -3.95 30.15
C ALA A 2 -22.38 -3.71 28.63
N LEU A 3 -21.55 -4.44 27.90
CA LEU A 3 -21.35 -4.22 26.45
C LEU A 3 -22.60 -4.45 25.61
N VAL A 4 -23.17 -5.65 25.73
CA VAL A 4 -24.39 -6.01 24.97
C VAL A 4 -25.54 -5.04 25.29
N ASP A 5 -25.74 -4.73 26.57
CA ASP A 5 -26.69 -3.69 26.99
C ASP A 5 -26.45 -2.36 26.25
N GLY A 6 -25.17 -2.00 26.14
CA GLY A 6 -24.77 -0.78 25.44
C GLY A 6 -25.23 -0.81 24.00
N PHE A 7 -24.92 -1.92 23.33
CA PHE A 7 -25.32 -2.12 21.95
C PHE A 7 -26.83 -1.99 21.75
N LEU A 8 -27.59 -2.65 22.62
CA LEU A 8 -29.05 -2.60 22.55
C LEU A 8 -29.54 -1.16 22.76
N GLU A 9 -28.90 -0.44 23.68
CA GLU A 9 -29.17 1.01 23.86
C GLU A 9 -28.92 1.79 22.58
N LEU A 10 -27.77 1.59 21.94
CA LEU A 10 -27.47 2.21 20.65
C LEU A 10 -28.59 1.92 19.64
N GLU A 11 -29.03 0.66 19.60
CA GLU A 11 -30.03 0.23 18.62
C GLU A 11 -31.46 0.62 18.99
N ARG A 12 -31.65 1.22 20.17
CA ARG A 12 -32.95 1.78 20.57
C ARG A 12 -32.91 3.31 20.63
N SER A 13 -31.79 3.88 20.20
CA SER A 13 -31.61 5.33 20.26
C SER A 13 -32.18 6.01 19.03
N SER A 14 -32.39 7.31 19.11
CA SER A 14 -32.91 8.08 17.98
C SER A 14 -32.09 9.34 17.81
N GLY A 15 -31.56 9.54 16.60
CA GLY A 15 -30.70 10.67 16.28
C GLY A 15 -29.24 10.48 16.67
N LYS A 16 -28.40 11.33 16.11
CA LYS A 16 -26.95 11.27 16.31
C LYS A 16 -26.52 11.64 17.73
N LEU A 17 -27.16 12.66 18.31
CA LEU A 17 -26.78 13.10 19.67
C LEU A 17 -26.89 11.97 20.70
N GLU A 18 -28.04 11.32 20.76
CA GLU A 18 -28.24 10.21 21.69
C GLU A 18 -27.26 9.05 21.44
N TRP A 19 -27.08 8.68 20.17
CA TRP A 19 -26.18 7.58 19.81
C TRP A 19 -24.75 7.89 20.32
N SER A 20 -24.29 9.10 20.06
CA SER A 20 -22.95 9.55 20.46
C SER A 20 -22.77 9.57 21.98
N ALA A 21 -23.82 9.96 22.70
CA ALA A 21 -23.79 9.97 24.17
C ALA A 21 -23.58 8.57 24.71
N ILE A 22 -24.33 7.60 24.16
CA ILE A 22 -24.22 6.20 24.59
C ILE A 22 -22.81 5.65 24.33
N LEU A 23 -22.31 5.86 23.12
CA LEU A 23 -20.99 5.33 22.76
C LEU A 23 -19.90 5.94 23.63
N GLN A 24 -19.97 7.26 23.84
CA GLN A 24 -18.97 7.95 24.67
C GLN A 24 -18.97 7.40 26.08
N LYS A 25 -20.16 7.11 26.61
CA LYS A 25 -20.27 6.60 27.97
C LYS A 25 -19.73 5.17 28.06
N MET A 26 -19.94 4.38 27.01
CA MET A 26 -19.39 3.04 26.99
C MET A 26 -17.86 3.11 27.08
N ALA A 27 -17.27 4.00 26.29
CA ALA A 27 -15.81 4.18 26.28
C ALA A 27 -15.28 4.73 27.61
N SER A 28 -15.95 5.76 28.13
CA SER A 28 -15.59 6.39 29.42
C SER A 28 -15.65 5.37 30.56
N ASP A 29 -16.73 4.59 30.60
CA ASP A 29 -16.91 3.55 31.61
C ASP A 29 -15.80 2.51 31.55
N LEU A 30 -15.37 2.20 30.34
CA LEU A 30 -14.31 1.22 30.13
C LEU A 30 -12.94 1.71 30.59
N GLY A 31 -12.78 3.04 30.69
CA GLY A 31 -11.54 3.65 31.16
C GLY A 31 -10.85 4.53 30.13
N PHE A 32 -11.41 4.65 28.94
CA PHE A 32 -10.84 5.58 27.96
C PHE A 32 -11.31 7.00 28.22
N SER A 33 -10.63 7.96 27.62
CA SER A 33 -10.87 9.37 27.88
C SER A 33 -11.67 10.03 26.76
N LYS A 34 -11.05 10.18 25.61
CA LYS A 34 -11.69 10.81 24.48
C LYS A 34 -11.87 9.76 23.39
N ILE A 35 -12.92 9.91 22.59
CA ILE A 35 -13.15 8.99 21.46
C ILE A 35 -13.58 9.70 20.20
N LEU A 36 -13.25 9.07 19.08
CA LEU A 36 -13.74 9.48 17.78
C LEU A 36 -14.16 8.22 17.04
N PHE A 37 -15.40 8.22 16.56
CA PHE A 37 -15.92 7.21 15.66
C PHE A 37 -16.11 7.93 14.34
N GLY A 38 -15.40 7.46 13.32
CA GLY A 38 -15.55 8.05 11.99
C GLY A 38 -15.90 7.02 10.95
N LEU A 39 -16.76 7.39 10.01
CA LEU A 39 -17.24 6.45 9.02
C LEU A 39 -17.47 7.12 7.67
N LEU A 40 -17.05 6.43 6.61
CA LEU A 40 -17.26 6.83 5.23
C LEU A 40 -18.00 5.72 4.49
N PRO A 41 -18.85 6.09 3.51
CA PRO A 41 -19.53 5.03 2.75
C PRO A 41 -18.60 4.39 1.72
N LYS A 42 -19.04 3.27 1.15
CA LYS A 42 -18.31 2.56 0.10
C LYS A 42 -17.80 3.51 -0.98
N ASP A 43 -16.53 3.32 -1.36
CA ASP A 43 -15.87 4.01 -2.48
C ASP A 43 -15.53 5.48 -2.21
N SER A 44 -15.84 5.99 -1.02
CA SER A 44 -15.56 7.38 -0.70
C SER A 44 -14.19 7.57 -0.06
N GLN A 45 -13.50 8.62 -0.48
CA GLN A 45 -12.29 9.09 0.20
C GLN A 45 -12.47 10.54 0.69
N ASP A 46 -13.72 10.93 0.92
CA ASP A 46 -14.07 12.30 1.29
C ASP A 46 -14.01 12.48 2.81
N TYR A 47 -12.80 12.36 3.37
CA TYR A 47 -12.58 12.39 4.81
C TYR A 47 -13.12 13.64 5.49
N GLU A 48 -12.99 14.78 4.82
CA GLU A 48 -13.48 16.06 5.33
C GLU A 48 -15.00 16.08 5.48
N ASN A 49 -15.68 15.12 4.85
CA ASN A 49 -17.13 14.98 5.02
C ASN A 49 -17.56 13.62 5.58
N ALA A 50 -16.68 13.01 6.37
CA ALA A 50 -16.99 11.76 7.05
C ALA A 50 -18.09 11.97 8.09
N PHE A 51 -18.78 10.89 8.42
CA PHE A 51 -19.66 10.87 9.59
C PHE A 51 -18.72 10.74 10.79
N ILE A 52 -18.69 11.78 11.63
CA ILE A 52 -17.84 11.81 12.83
C ILE A 52 -18.67 11.96 14.10
N VAL A 53 -18.36 11.11 15.08
CA VAL A 53 -18.99 11.09 16.40
C VAL A 53 -17.91 11.12 17.48
N GLY A 54 -18.16 11.83 18.57
CA GLY A 54 -17.31 11.73 19.73
C GLY A 54 -17.00 13.06 20.38
N ASN A 55 -16.00 13.05 21.25
CA ASN A 55 -15.67 14.21 22.06
C ASN A 55 -14.23 14.70 21.94
N TYR A 56 -13.59 14.44 20.79
CA TYR A 56 -12.34 15.14 20.47
C TYR A 56 -12.62 16.63 20.53
N PRO A 57 -11.64 17.42 21.01
CA PRO A 57 -11.84 18.87 21.09
C PRO A 57 -12.23 19.44 19.73
N ALA A 58 -13.28 20.26 19.70
CA ALA A 58 -13.76 20.81 18.41
C ALA A 58 -12.69 21.54 17.61
N ALA A 59 -11.85 22.32 18.28
CA ALA A 59 -10.81 23.10 17.58
C ALA A 59 -9.77 22.17 16.94
N TRP A 60 -9.55 21.02 17.55
CA TRP A 60 -8.69 20.00 16.96
C TRP A 60 -9.32 19.38 15.70
N ARG A 61 -10.58 18.99 15.79
CA ARG A 61 -11.28 18.40 14.65
C ARG A 61 -11.26 19.39 13.49
N GLU A 62 -11.45 20.67 13.80
CA GLU A 62 -11.42 21.73 12.80
C GLU A 62 -10.04 21.87 12.14
N HIS A 63 -9.02 21.94 12.98
CA HIS A 63 -7.62 22.00 12.53
C HIS A 63 -7.30 20.84 11.57
N TYR A 64 -7.65 19.62 11.99
CA TYR A 64 -7.40 18.39 11.23
C TYR A 64 -7.98 18.49 9.82
N ASP A 65 -9.23 18.96 9.71
CA ASP A 65 -9.88 19.13 8.41
C ASP A 65 -9.18 20.20 7.56
N ARG A 66 -8.81 21.30 8.20
CA ARG A 66 -8.20 22.43 7.52
C ARG A 66 -6.79 22.09 7.03
N ALA A 67 -6.03 21.38 7.85
CA ALA A 67 -4.67 20.97 7.49
C ALA A 67 -4.62 19.75 6.55
N GLY A 68 -5.78 19.19 6.25
CA GLY A 68 -5.86 17.96 5.43
C GLY A 68 -5.06 16.80 6.02
N TYR A 69 -5.08 16.68 7.35
CA TYR A 69 -4.31 15.64 8.04
C TYR A 69 -4.70 14.19 7.71
N ALA A 70 -5.89 13.97 7.13
CA ALA A 70 -6.27 12.61 6.76
C ALA A 70 -5.23 11.96 5.82
N ARG A 71 -4.56 12.80 5.05
CA ARG A 71 -3.51 12.37 4.12
C ARG A 71 -2.17 12.08 4.79
N VAL A 72 -1.99 12.55 6.02
CA VAL A 72 -0.72 12.39 6.75
C VAL A 72 -0.83 11.47 7.97
N ASP A 73 -1.98 11.51 8.63
CA ASP A 73 -2.29 10.68 9.79
C ASP A 73 -1.96 9.22 9.53
N PRO A 74 -0.98 8.66 10.27
CA PRO A 74 -0.59 7.29 10.03
C PRO A 74 -1.65 6.26 10.41
N THR A 75 -2.63 6.65 11.22
CA THR A 75 -3.71 5.71 11.55
C THR A 75 -4.66 5.52 10.36
N VAL A 76 -4.88 6.59 9.62
CA VAL A 76 -5.76 6.57 8.44
C VAL A 76 -5.20 5.60 7.39
N SER A 77 -3.92 5.75 7.07
CA SER A 77 -3.29 4.86 6.10
C SER A 77 -3.31 3.42 6.61
N HIS A 78 -3.09 3.25 7.92
CA HIS A 78 -3.16 1.92 8.51
C HIS A 78 -4.53 1.28 8.28
N CYS A 79 -5.59 2.05 8.52
CA CYS A 79 -6.96 1.55 8.37
C CYS A 79 -7.29 1.05 6.98
N THR A 80 -6.68 1.65 5.95
CA THR A 80 -6.88 1.19 4.57
C THR A 80 -6.24 -0.19 4.27
N GLN A 81 -5.32 -0.63 5.11
CA GLN A 81 -4.56 -1.87 4.86
C GLN A 81 -4.80 -3.02 5.85
N SER A 82 -5.49 -2.73 6.95
CA SER A 82 -5.58 -3.71 8.03
C SER A 82 -6.90 -3.63 8.78
N VAL A 83 -7.26 -4.75 9.41
CA VAL A 83 -8.39 -4.80 10.35
C VAL A 83 -7.89 -4.83 11.79
N LEU A 84 -6.57 -4.76 11.97
CA LEU A 84 -5.96 -4.89 13.32
C LEU A 84 -5.70 -3.53 13.96
N PRO A 85 -5.68 -3.45 15.31
CA PRO A 85 -5.53 -2.10 15.85
C PRO A 85 -4.14 -1.51 15.58
N ILE A 86 -4.07 -0.19 15.55
CA ILE A 86 -2.78 0.50 15.56
C ILE A 86 -2.65 1.30 16.87
N PHE A 87 -1.61 0.97 17.64
CA PHE A 87 -1.35 1.66 18.89
C PHE A 87 -0.58 2.95 18.62
N TRP A 88 -0.91 4.01 19.36
CA TRP A 88 -0.32 5.32 19.14
C TRP A 88 1.04 5.36 19.82
N GLU A 89 2.08 5.12 19.03
CA GLU A 89 3.45 5.22 19.54
C GLU A 89 4.26 6.15 18.64
N PRO A 90 5.26 6.87 19.20
CA PRO A 90 6.07 7.76 18.38
C PRO A 90 6.56 7.14 17.06
N SER A 91 6.84 5.83 17.08
CA SER A 91 7.34 5.09 15.92
C SER A 91 6.41 5.10 14.72
N ILE A 92 5.10 5.32 14.93
CA ILE A 92 4.18 5.37 13.79
C ILE A 92 4.25 6.71 13.03
N TYR A 93 4.85 7.71 13.67
CA TYR A 93 5.03 9.03 13.08
C TYR A 93 6.43 9.11 12.48
N GLN A 94 6.52 8.90 11.18
CA GLN A 94 7.81 8.71 10.50
C GLN A 94 8.25 9.89 9.62
N THR A 95 7.34 10.41 8.82
CA THR A 95 7.66 11.52 7.92
C THR A 95 7.72 12.85 8.68
N ARG A 96 8.34 13.86 8.07
CA ARG A 96 8.42 15.18 8.69
C ARG A 96 7.02 15.74 9.01
N LYS A 97 6.09 15.61 8.07
CA LYS A 97 4.69 16.00 8.30
C LYS A 97 4.03 15.25 9.45
N GLN A 98 4.34 13.97 9.57
CA GLN A 98 3.78 13.14 10.65
C GLN A 98 4.33 13.57 12.00
N HIS A 99 5.58 14.02 12.06
CA HIS A 99 6.12 14.57 13.30
C HIS A 99 5.38 15.85 13.71
N GLU A 100 5.13 16.71 12.73
CA GLU A 100 4.35 17.94 12.95
C GLU A 100 2.96 17.57 13.46
N PHE A 101 2.35 16.58 12.82
CA PHE A 101 1.02 16.08 13.20
C PHE A 101 1.01 15.59 14.65
N PHE A 102 1.99 14.74 15.00
CA PHE A 102 2.15 14.24 16.35
C PHE A 102 2.18 15.37 17.38
N GLU A 103 2.96 16.41 17.09
CA GLU A 103 3.09 17.56 17.98
C GLU A 103 1.74 18.23 18.20
N GLU A 104 0.97 18.39 17.11
CA GLU A 104 -0.33 19.06 17.20
C GLU A 104 -1.38 18.18 17.90
N ALA A 105 -1.38 16.88 17.60
CA ALA A 105 -2.30 15.94 18.23
C ALA A 105 -2.03 15.79 19.72
N SER A 106 -0.74 15.77 20.08
CA SER A 106 -0.30 15.77 21.47
C SER A 106 -0.86 16.96 22.23
N ALA A 107 -0.81 18.14 21.60
CA ALA A 107 -1.34 19.37 22.18
C ALA A 107 -2.84 19.26 22.45
N ALA A 108 -3.53 18.50 21.60
CA ALA A 108 -4.96 18.28 21.75
C ALA A 108 -5.30 17.15 22.72
N GLY A 109 -4.28 16.60 23.38
CA GLY A 109 -4.45 15.53 24.36
C GLY A 109 -4.46 14.12 23.80
N LEU A 110 -3.93 13.95 22.58
CA LEU A 110 -3.91 12.62 21.96
C LEU A 110 -2.50 12.06 21.96
N VAL A 111 -2.10 11.50 23.10
CA VAL A 111 -0.75 10.96 23.29
C VAL A 111 -0.74 9.44 23.35
N TYR A 112 -1.54 8.88 24.26
CA TYR A 112 -1.65 7.42 24.38
C TYR A 112 -3.03 6.96 23.95
N GLY A 113 -3.07 5.82 23.29
CA GLY A 113 -4.35 5.27 22.85
C GLY A 113 -4.14 4.36 21.68
N LEU A 114 -5.24 4.05 20.99
CA LEU A 114 -5.19 3.15 19.83
C LEU A 114 -6.33 3.47 18.90
N THR A 115 -6.21 2.99 17.66
CA THR A 115 -7.26 3.09 16.69
C THR A 115 -7.62 1.70 16.16
N MET A 116 -8.91 1.39 16.17
CA MET A 116 -9.41 0.14 15.64
C MET A 116 -9.99 0.46 14.27
N PRO A 117 -9.41 -0.12 13.20
CA PRO A 117 -10.02 0.08 11.89
C PRO A 117 -11.43 -0.52 11.81
N LEU A 118 -12.31 0.14 11.06
CA LEU A 118 -13.67 -0.34 10.84
C LEU A 118 -13.88 -0.64 9.37
N HIS A 119 -14.29 -1.86 9.08
CA HIS A 119 -14.63 -2.24 7.71
C HIS A 119 -15.98 -2.92 7.71
N GLY A 120 -16.98 -2.19 7.23
CA GLY A 120 -18.35 -2.68 7.33
C GLY A 120 -18.76 -3.65 6.25
N ALA A 121 -19.90 -4.30 6.45
CA ALA A 121 -20.40 -5.35 5.55
C ALA A 121 -20.78 -4.79 4.17
N ARG A 122 -21.10 -3.50 4.13
CA ARG A 122 -21.46 -2.88 2.85
C ARG A 122 -20.36 -1.93 2.34
N GLY A 123 -19.13 -2.20 2.76
CA GLY A 123 -17.98 -1.45 2.28
C GLY A 123 -17.67 -0.16 3.01
N GLU A 124 -18.37 0.09 4.12
CA GLU A 124 -18.09 1.27 4.94
C GLU A 124 -16.64 1.22 5.43
N LEU A 125 -15.99 2.38 5.49
CA LEU A 125 -14.61 2.46 5.96
C LEU A 125 -14.54 3.47 7.09
N GLY A 126 -13.92 3.09 8.19
CA GLY A 126 -13.91 3.96 9.34
C GLY A 126 -12.85 3.65 10.37
N ALA A 127 -12.98 4.29 11.52
CA ALA A 127 -12.06 4.11 12.64
C ALA A 127 -12.80 4.36 13.95
N LEU A 128 -12.41 3.60 14.97
CA LEU A 128 -12.78 3.98 16.32
C LEU A 128 -11.47 4.23 17.04
N SER A 129 -11.22 5.50 17.37
CA SER A 129 -10.01 5.87 18.08
C SER A 129 -10.35 6.19 19.52
N LEU A 130 -9.47 5.83 20.44
CA LEU A 130 -9.74 6.02 21.87
C LEU A 130 -8.45 6.42 22.55
N SER A 131 -8.48 7.54 23.28
CA SER A 131 -7.29 7.99 23.99
C SER A 131 -7.33 7.52 25.44
N VAL A 132 -6.14 7.46 26.04
CA VAL A 132 -5.93 6.92 27.38
C VAL A 132 -5.14 7.93 28.18
N GLU A 133 -5.67 8.32 29.34
CA GLU A 133 -4.92 9.13 30.30
C GLU A 133 -4.04 8.21 31.14
N ALA A 134 -2.74 8.47 31.12
CA ALA A 134 -1.74 7.66 31.81
C ALA A 134 -0.47 8.48 32.08
N GLU A 135 0.33 8.03 33.03
CA GLU A 135 1.54 8.77 33.42
C GLU A 135 2.75 8.38 32.59
N ASN A 136 2.67 7.21 31.97
CA ASN A 136 3.70 6.75 31.03
C ASN A 136 3.14 5.71 30.06
N ARG A 137 3.94 5.40 29.04
CA ARG A 137 3.59 4.41 28.04
C ARG A 137 3.30 3.04 28.65
N ALA A 138 4.12 2.61 29.59
CA ALA A 138 3.97 1.28 30.19
C ALA A 138 2.61 1.10 30.85
N GLU A 139 2.15 2.14 31.54
CA GLU A 139 0.87 2.06 32.22
C GLU A 139 -0.30 2.16 31.25
N ALA A 140 -0.15 3.00 30.23
CA ALA A 140 -1.15 3.09 29.16
C ALA A 140 -1.32 1.73 28.47
N ASN A 141 -0.19 1.08 28.16
CA ASN A 141 -0.21 -0.22 27.51
C ASN A 141 -0.80 -1.30 28.40
N ARG A 142 -0.53 -1.22 29.70
CA ARG A 142 -1.10 -2.17 30.66
C ARG A 142 -2.63 -2.09 30.68
N PHE A 143 -3.15 -0.86 30.74
CA PHE A 143 -4.59 -0.65 30.73
C PHE A 143 -5.21 -1.14 29.43
N MET A 144 -4.62 -0.73 28.30
CA MET A 144 -5.15 -1.13 27.00
C MET A 144 -5.22 -2.65 26.85
N GLU A 145 -4.16 -3.35 27.24
CA GLU A 145 -4.17 -4.81 27.23
C GLU A 145 -5.31 -5.38 28.06
N SER A 146 -5.56 -4.78 29.23
CA SER A 146 -6.56 -5.28 30.17
C SER A 146 -7.99 -5.19 29.62
N VAL A 147 -8.21 -4.27 28.70
CA VAL A 147 -9.56 -4.06 28.16
C VAL A 147 -9.65 -4.39 26.67
N LEU A 148 -8.54 -4.81 26.07
CA LEU A 148 -8.52 -5.07 24.62
C LEU A 148 -9.61 -6.04 24.13
N PRO A 149 -9.85 -7.18 24.84
CA PRO A 149 -10.91 -8.07 24.34
C PRO A 149 -12.30 -7.42 24.31
N THR A 150 -12.66 -6.69 25.36
CA THR A 150 -13.93 -5.96 25.42
C THR A 150 -14.02 -4.93 24.27
N LEU A 151 -12.95 -4.16 24.09
CA LEU A 151 -12.92 -3.12 23.06
C LEU A 151 -13.04 -3.71 21.65
N TRP A 152 -12.41 -4.86 21.45
CA TRP A 152 -12.46 -5.54 20.15
C TRP A 152 -13.90 -5.88 19.74
N MET A 153 -14.69 -6.28 20.72
CA MET A 153 -16.12 -6.53 20.46
C MET A 153 -16.85 -5.21 20.28
N LEU A 154 -16.56 -4.24 21.14
CA LEU A 154 -17.17 -2.92 21.05
C LEU A 154 -17.06 -2.28 19.67
N LYS A 155 -15.87 -2.28 19.09
CA LYS A 155 -15.68 -1.65 17.80
C LYS A 155 -16.59 -2.22 16.71
N ASP A 156 -16.81 -3.52 16.73
CA ASP A 156 -17.71 -4.14 15.75
C ASP A 156 -19.19 -3.84 16.04
N TYR A 157 -19.60 -3.87 17.30
CA TYR A 157 -20.96 -3.42 17.68
C TYR A 157 -21.23 -1.97 17.28
N ALA A 158 -20.26 -1.07 17.56
CA ALA A 158 -20.39 0.32 17.14
C ALA A 158 -20.44 0.49 15.63
N LEU A 159 -19.67 -0.32 14.92
CA LEU A 159 -19.66 -0.29 13.47
C LEU A 159 -21.02 -0.69 12.91
N GLN A 160 -21.54 -1.83 13.39
CA GLN A 160 -22.82 -2.37 12.89
C GLN A 160 -23.95 -1.37 13.14
N SER A 161 -24.05 -0.91 14.38
CA SER A 161 -25.06 0.11 14.73
C SER A 161 -24.82 1.43 13.98
N GLY A 162 -23.59 1.93 14.04
CA GLY A 162 -23.24 3.24 13.50
C GLY A 162 -23.44 3.37 12.01
N ALA A 163 -23.17 2.28 11.29
CA ALA A 163 -23.35 2.20 9.85
C ALA A 163 -24.79 2.51 9.42
N GLY A 164 -25.74 2.06 10.23
CA GLY A 164 -27.17 2.27 9.97
C GLY A 164 -27.60 3.71 10.24
N LEU A 165 -26.93 4.36 11.19
CA LEU A 165 -27.22 5.74 11.52
C LEU A 165 -26.61 6.70 10.51
N ALA A 166 -25.39 6.41 10.09
CA ALA A 166 -24.67 7.27 9.18
C ALA A 166 -25.35 7.22 7.80
N PHE A 167 -25.78 6.02 7.41
CA PHE A 167 -26.23 5.76 6.03
C PHE A 167 -27.52 4.94 6.06
N GLY B 6 -1.19 -15.96 19.03
CA GLY B 6 -0.63 -16.90 18.01
C GLY B 6 -0.75 -16.39 16.58
N PHE B 7 -0.92 -15.07 16.43
CA PHE B 7 -0.96 -14.42 15.12
C PHE B 7 0.43 -14.39 14.50
N LEU B 8 1.45 -14.27 15.36
CA LEU B 8 2.83 -14.31 14.90
C LEU B 8 3.15 -15.69 14.34
N GLU B 9 2.53 -16.72 14.91
CA GLU B 9 2.60 -18.07 14.36
C GLU B 9 1.92 -18.17 13.01
N LEU B 10 0.74 -17.56 12.89
CA LEU B 10 0.03 -17.47 11.62
C LEU B 10 0.90 -16.79 10.57
N GLU B 11 1.52 -15.67 10.95
CA GLU B 11 2.41 -14.93 10.04
C GLU B 11 3.75 -15.61 9.77
N ARG B 12 4.36 -16.19 10.80
CA ARG B 12 5.61 -16.95 10.65
C ARG B 12 5.49 -18.12 9.69
N SER B 13 4.27 -18.66 9.59
CA SER B 13 4.02 -19.88 8.83
C SER B 13 4.29 -19.70 7.35
N SER B 14 4.64 -20.80 6.71
CA SER B 14 4.87 -20.84 5.28
C SER B 14 3.91 -21.84 4.66
N GLY B 15 3.01 -21.34 3.82
CA GLY B 15 2.11 -22.21 3.07
C GLY B 15 0.77 -22.46 3.76
N LYS B 16 -0.19 -22.95 2.98
CA LYS B 16 -1.55 -23.19 3.46
C LYS B 16 -1.63 -24.34 4.46
N LEU B 17 -0.87 -25.42 4.21
CA LEU B 17 -0.91 -26.57 5.11
C LEU B 17 -0.55 -26.16 6.53
N GLU B 18 0.55 -25.42 6.68
CA GLU B 18 1.00 -25.01 8.01
C GLU B 18 0.01 -24.02 8.63
N TRP B 19 -0.45 -23.07 7.83
CA TRP B 19 -1.44 -22.09 8.29
C TRP B 19 -2.69 -22.79 8.83
N SER B 20 -3.25 -23.70 8.03
CA SER B 20 -4.40 -24.50 8.46
C SER B 20 -4.18 -25.25 9.76
N ALA B 21 -3.02 -25.90 9.91
CA ALA B 21 -2.72 -26.63 11.13
C ALA B 21 -2.67 -25.71 12.36
N ILE B 22 -2.08 -24.54 12.20
CA ILE B 22 -1.96 -23.58 13.30
C ILE B 22 -3.35 -23.10 13.72
N LEU B 23 -4.15 -22.70 12.73
CA LEU B 23 -5.51 -22.21 13.01
C LEU B 23 -6.40 -23.26 13.66
N GLN B 24 -6.34 -24.50 13.14
CA GLN B 24 -7.11 -25.61 13.71
C GLN B 24 -6.76 -25.87 15.15
N LYS B 25 -5.47 -25.84 15.46
CA LYS B 25 -4.98 -26.04 16.83
C LYS B 25 -5.46 -24.92 17.74
N MET B 26 -5.42 -23.68 17.25
CA MET B 26 -5.87 -22.54 18.04
C MET B 26 -7.32 -22.72 18.44
N ALA B 27 -8.13 -23.16 17.48
CA ALA B 27 -9.54 -23.38 17.72
C ALA B 27 -9.79 -24.54 18.69
N SER B 28 -9.08 -25.65 18.49
CA SER B 28 -9.16 -26.83 19.35
C SER B 28 -8.76 -26.52 20.79
N ASP B 29 -7.61 -25.85 20.94
CA ASP B 29 -7.12 -25.37 22.23
C ASP B 29 -8.14 -24.49 22.94
N LEU B 30 -8.85 -23.67 22.16
CA LEU B 30 -9.88 -22.81 22.71
C LEU B 30 -11.13 -23.58 23.11
N GLY B 31 -11.30 -24.78 22.54
CA GLY B 31 -12.41 -25.68 22.91
C GLY B 31 -13.42 -25.96 21.81
N PHE B 32 -13.11 -25.54 20.59
CA PHE B 32 -13.95 -25.82 19.44
C PHE B 32 -13.54 -27.12 18.76
N SER B 33 -14.46 -27.70 18.00
CA SER B 33 -14.19 -28.97 17.36
C SER B 33 -13.62 -28.78 15.98
N LYS B 34 -14.49 -28.41 15.04
CA LYS B 34 -14.13 -28.26 13.66
C LYS B 34 -14.27 -26.81 13.25
N ILE B 35 -13.46 -26.38 12.29
CA ILE B 35 -13.46 -24.99 11.87
C ILE B 35 -13.42 -24.87 10.35
N LEU B 36 -13.98 -23.77 9.85
CA LEU B 36 -13.84 -23.39 8.46
C LEU B 36 -13.52 -21.91 8.39
N PHE B 37 -12.47 -21.60 7.65
CA PHE B 37 -12.12 -20.23 7.31
C PHE B 37 -12.31 -20.12 5.81
N GLY B 38 -13.23 -19.25 5.39
CA GLY B 38 -13.52 -19.10 3.98
C GLY B 38 -13.32 -17.65 3.58
N LEU B 39 -12.77 -17.41 2.40
CA LEU B 39 -12.50 -16.06 1.95
C LEU B 39 -12.63 -15.90 0.44
N LEU B 40 -13.25 -14.80 0.03
CA LEU B 40 -13.35 -14.37 -1.36
C LEU B 40 -12.72 -12.98 -1.55
N PRO B 41 -12.20 -12.71 -2.77
CA PRO B 41 -11.70 -11.37 -3.04
C PRO B 41 -12.82 -10.36 -3.32
N LYS B 42 -12.47 -9.08 -3.29
CA LYS B 42 -13.39 -7.97 -3.57
C LYS B 42 -14.28 -8.22 -4.80
N ASP B 43 -15.59 -8.04 -4.60
CA ASP B 43 -16.63 -8.12 -5.63
C ASP B 43 -16.99 -9.53 -6.11
N SER B 44 -16.23 -10.53 -5.69
CA SER B 44 -16.52 -11.91 -6.08
C SER B 44 -17.72 -12.49 -5.32
N GLN B 45 -18.57 -13.21 -6.04
CA GLN B 45 -19.63 -14.02 -5.42
C GLN B 45 -19.45 -15.48 -5.85
N ASP B 46 -18.21 -15.84 -6.17
CA ASP B 46 -17.89 -17.19 -6.67
C ASP B 46 -17.61 -18.14 -5.52
N TYR B 47 -18.65 -18.46 -4.77
CA TYR B 47 -18.50 -19.23 -3.54
C TYR B 47 -17.90 -20.61 -3.76
N GLU B 48 -18.22 -21.23 -4.90
CA GLU B 48 -17.69 -22.56 -5.22
C GLU B 48 -16.18 -22.54 -5.48
N ASN B 49 -15.61 -21.34 -5.63
CA ASN B 49 -14.17 -21.20 -5.80
C ASN B 49 -13.53 -20.30 -4.73
N ALA B 50 -14.09 -20.34 -3.53
CA ALA B 50 -13.57 -19.57 -2.39
C ALA B 50 -12.27 -20.18 -1.91
N PHE B 51 -11.46 -19.37 -1.24
CA PHE B 51 -10.32 -19.87 -0.49
C PHE B 51 -10.86 -20.44 0.80
N ILE B 52 -10.69 -21.74 1.00
CA ILE B 52 -11.22 -22.45 2.16
C ILE B 52 -10.11 -23.16 2.91
N VAL B 53 -10.10 -22.95 4.22
CA VAL B 53 -9.17 -23.61 5.14
C VAL B 53 -9.99 -24.33 6.19
N GLY B 54 -9.49 -25.48 6.65
CA GLY B 54 -10.02 -26.09 7.87
C GLY B 54 -10.25 -27.59 7.82
N ASN B 55 -10.94 -28.08 8.85
CA ASN B 55 -11.17 -29.50 9.06
C ASN B 55 -12.63 -29.97 9.07
N TYR B 56 -13.52 -29.22 8.41
CA TYR B 56 -14.84 -29.73 8.06
C TYR B 56 -14.67 -31.03 7.26
N PRO B 57 -15.57 -32.01 7.47
CA PRO B 57 -15.47 -33.27 6.74
C PRO B 57 -15.44 -33.00 5.25
N ALA B 58 -14.51 -33.64 4.55
CA ALA B 58 -14.33 -33.42 3.14
C ALA B 58 -15.64 -33.68 2.37
N ALA B 59 -16.36 -34.72 2.77
CA ALA B 59 -17.58 -35.15 2.07
C ALA B 59 -18.65 -34.07 2.20
N TRP B 60 -18.64 -33.38 3.35
CA TRP B 60 -19.56 -32.26 3.58
C TRP B 60 -19.24 -31.05 2.70
N ARG B 61 -17.97 -30.65 2.66
CA ARG B 61 -17.54 -29.57 1.77
C ARG B 61 -17.90 -29.84 0.31
N GLU B 62 -17.73 -31.09 -0.13
CA GLU B 62 -18.09 -31.48 -1.50
C GLU B 62 -19.59 -31.36 -1.76
N HIS B 63 -20.37 -31.81 -0.80
CA HIS B 63 -21.84 -31.72 -0.85
C HIS B 63 -22.29 -30.26 -0.94
N TYR B 64 -21.67 -29.40 -0.12
CA TYR B 64 -22.06 -27.99 -0.07
C TYR B 64 -21.84 -27.31 -1.42
N ASP B 65 -20.72 -27.63 -2.07
CA ASP B 65 -20.42 -27.10 -3.38
C ASP B 65 -21.42 -27.60 -4.42
N ARG B 66 -21.67 -28.90 -4.40
CA ARG B 66 -22.53 -29.58 -5.38
C ARG B 66 -24.02 -29.17 -5.30
N ALA B 67 -24.49 -28.92 -4.09
CA ALA B 67 -25.87 -28.51 -3.85
C ALA B 67 -26.00 -26.98 -3.95
N GLY B 68 -24.88 -26.29 -4.13
CA GLY B 68 -24.86 -24.83 -4.20
C GLY B 68 -25.45 -24.19 -2.96
N TYR B 69 -25.13 -24.77 -1.79
CA TYR B 69 -25.71 -24.31 -0.53
C TYR B 69 -25.39 -22.87 -0.14
N ALA B 70 -24.38 -22.25 -0.76
CA ALA B 70 -24.10 -20.84 -0.49
C ALA B 70 -25.32 -19.95 -0.78
N ARG B 71 -26.19 -20.43 -1.66
CA ARG B 71 -27.42 -19.70 -2.01
C ARG B 71 -28.46 -19.77 -0.90
N VAL B 72 -28.32 -20.72 0.01
CA VAL B 72 -29.37 -20.92 1.03
C VAL B 72 -28.87 -20.83 2.46
N ASP B 73 -27.57 -21.06 2.64
CA ASP B 73 -26.92 -20.98 3.95
C ASP B 73 -27.24 -19.64 4.60
N PRO B 74 -27.92 -19.67 5.77
CA PRO B 74 -28.34 -18.40 6.38
C PRO B 74 -27.18 -17.61 6.97
N THR B 75 -26.05 -18.27 7.23
CA THR B 75 -24.88 -17.54 7.71
C THR B 75 -24.22 -16.75 6.58
N VAL B 76 -24.30 -17.27 5.36
CA VAL B 76 -23.78 -16.56 4.18
C VAL B 76 -24.53 -15.25 3.98
N SER B 77 -25.86 -15.31 4.00
CA SER B 77 -26.65 -14.09 3.86
C SER B 77 -26.34 -13.11 4.99
N HIS B 78 -26.22 -13.64 6.21
CA HIS B 78 -25.85 -12.84 7.38
C HIS B 78 -24.52 -12.08 7.19
N CYS B 79 -23.51 -12.79 6.71
CA CYS B 79 -22.20 -12.18 6.46
C CYS B 79 -22.26 -11.00 5.47
N THR B 80 -23.13 -11.06 4.47
CA THR B 80 -23.27 -9.94 3.52
C THR B 80 -23.81 -8.67 4.16
N GLN B 81 -24.41 -8.81 5.34
CA GLN B 81 -25.13 -7.71 5.98
C GLN B 81 -24.57 -7.26 7.30
N SER B 82 -23.67 -8.04 7.89
CA SER B 82 -23.26 -7.78 9.27
C SER B 82 -21.80 -8.11 9.55
N VAL B 83 -21.24 -7.45 10.57
CA VAL B 83 -19.91 -7.80 11.10
C VAL B 83 -20.04 -8.59 12.42
N LEU B 84 -21.28 -8.81 12.87
CA LEU B 84 -21.54 -9.45 14.16
C LEU B 84 -21.68 -10.99 14.04
N PRO B 85 -21.35 -11.73 15.12
CA PRO B 85 -21.47 -13.19 15.07
C PRO B 85 -22.91 -13.63 14.81
N ILE B 86 -23.08 -14.79 14.17
CA ILE B 86 -24.38 -15.46 14.11
C ILE B 86 -24.23 -16.85 14.73
N PHE B 87 -24.96 -17.07 15.82
CA PHE B 87 -24.97 -18.37 16.47
C PHE B 87 -25.92 -19.31 15.73
N TRP B 88 -25.56 -20.59 15.66
CA TRP B 88 -26.31 -21.55 14.86
C TRP B 88 -27.55 -22.05 15.60
N GLU B 89 -28.49 -21.14 15.80
CA GLU B 89 -29.75 -21.44 16.46
C GLU B 89 -30.72 -21.95 15.42
N PRO B 90 -31.59 -22.90 15.79
CA PRO B 90 -32.59 -23.41 14.83
C PRO B 90 -33.41 -22.31 14.16
N SER B 91 -33.61 -21.20 14.88
CA SER B 91 -34.36 -20.05 14.39
C SER B 91 -33.77 -19.42 13.13
N ILE B 92 -32.47 -19.60 12.88
CA ILE B 92 -31.83 -19.00 11.69
C ILE B 92 -32.17 -19.72 10.39
N TYR B 93 -32.63 -20.96 10.51
CA TYR B 93 -33.02 -21.75 9.34
C TYR B 93 -34.53 -21.59 9.16
N GLN B 94 -34.91 -20.77 8.20
CA GLN B 94 -36.30 -20.33 8.10
C GLN B 94 -37.09 -20.92 6.93
N THR B 95 -36.45 -21.04 5.77
CA THR B 95 -37.13 -21.54 4.57
C THR B 95 -37.05 -23.06 4.49
N ARG B 96 -37.87 -23.65 3.63
CA ARG B 96 -37.82 -25.08 3.37
C ARG B 96 -36.40 -25.57 3.03
N LYS B 97 -35.75 -24.89 2.08
CA LYS B 97 -34.39 -25.30 1.69
C LYS B 97 -33.41 -25.18 2.87
N GLN B 98 -33.60 -24.18 3.72
CA GLN B 98 -32.75 -23.99 4.91
C GLN B 98 -32.95 -25.07 5.97
N HIS B 99 -34.18 -25.57 6.11
CA HIS B 99 -34.45 -26.72 6.97
C HIS B 99 -33.70 -27.98 6.52
N GLU B 100 -33.69 -28.20 5.22
CA GLU B 100 -32.97 -29.33 4.62
C GLU B 100 -31.47 -29.16 4.85
N PHE B 101 -30.98 -27.95 4.60
CA PHE B 101 -29.60 -27.58 4.90
C PHE B 101 -29.22 -27.88 6.36
N PHE B 102 -30.09 -27.49 7.30
CA PHE B 102 -29.84 -27.71 8.73
C PHE B 102 -29.74 -29.20 9.03
N GLU B 103 -30.58 -29.99 8.37
CA GLU B 103 -30.56 -31.44 8.56
C GLU B 103 -29.24 -32.05 8.07
N GLU B 104 -28.82 -31.66 6.87
CA GLU B 104 -27.61 -32.18 6.25
C GLU B 104 -26.35 -31.74 7.02
N ALA B 105 -26.31 -30.45 7.37
CA ALA B 105 -25.19 -29.92 8.16
C ALA B 105 -25.10 -30.62 9.51
N SER B 106 -26.24 -30.81 10.15
CA SER B 106 -26.28 -31.52 11.43
C SER B 106 -25.70 -32.92 11.31
N ALA B 107 -26.04 -33.64 10.24
CA ALA B 107 -25.47 -34.97 9.99
C ALA B 107 -23.93 -34.91 9.88
N ALA B 108 -23.41 -33.79 9.41
CA ALA B 108 -21.96 -33.58 9.26
C ALA B 108 -21.26 -33.16 10.56
N GLY B 109 -22.03 -33.06 11.65
CA GLY B 109 -21.50 -32.70 12.96
C GLY B 109 -21.52 -31.21 13.25
N LEU B 110 -22.20 -30.45 12.40
CA LEU B 110 -22.26 -29.00 12.55
C LEU B 110 -23.57 -28.55 13.19
N VAL B 111 -23.90 -29.17 14.33
CA VAL B 111 -25.14 -28.86 15.06
C VAL B 111 -25.05 -27.58 15.89
N TYR B 112 -23.96 -27.44 16.64
CA TYR B 112 -23.79 -26.29 17.53
C TYR B 112 -22.57 -25.51 17.11
N GLY B 113 -22.68 -24.18 17.18
CA GLY B 113 -21.54 -23.34 16.82
C GLY B 113 -21.91 -21.90 16.48
N LEU B 114 -20.99 -21.23 15.79
CA LEU B 114 -21.22 -19.85 15.34
C LEU B 114 -20.36 -19.52 14.15
N THR B 115 -20.75 -18.45 13.46
CA THR B 115 -20.00 -17.95 12.32
C THR B 115 -19.67 -16.48 12.56
N MET B 116 -18.39 -16.15 12.42
CA MET B 116 -17.95 -14.77 12.54
C MET B 116 -17.73 -14.24 11.11
N PRO B 117 -18.54 -13.26 10.69
CA PRO B 117 -18.33 -12.66 9.38
C PRO B 117 -16.94 -12.01 9.30
N LEU B 118 -16.32 -12.11 8.12
CA LEU B 118 -15.05 -11.46 7.81
C LEU B 118 -15.21 -10.46 6.67
N HIS B 119 -14.81 -9.22 6.96
CA HIS B 119 -14.79 -8.14 6.00
C HIS B 119 -13.40 -7.48 6.06
N GLY B 120 -12.58 -7.78 5.05
CA GLY B 120 -11.19 -7.31 5.01
C GLY B 120 -11.01 -5.89 4.57
N ALA B 121 -9.82 -5.34 4.81
CA ALA B 121 -9.49 -3.95 4.44
C ALA B 121 -9.48 -3.70 2.94
N ARG B 122 -9.21 -4.74 2.17
CA ARG B 122 -9.17 -4.61 0.71
C ARG B 122 -10.40 -5.20 0.05
N GLY B 123 -11.49 -5.28 0.81
CA GLY B 123 -12.77 -5.73 0.30
C GLY B 123 -12.99 -7.23 0.27
N GLU B 124 -12.10 -7.99 0.93
CA GLU B 124 -12.28 -9.44 1.06
C GLU B 124 -13.55 -9.72 1.87
N LEU B 125 -14.28 -10.77 1.46
CA LEU B 125 -15.48 -11.21 2.17
C LEU B 125 -15.33 -12.66 2.59
N GLY B 126 -15.69 -13.00 3.82
CA GLY B 126 -15.42 -14.32 4.35
C GLY B 126 -16.20 -14.67 5.59
N ALA B 127 -15.86 -15.83 6.16
CA ALA B 127 -16.46 -16.32 7.39
C ALA B 127 -15.46 -17.16 8.14
N LEU B 128 -15.45 -17.04 9.45
CA LEU B 128 -14.80 -18.04 10.29
C LEU B 128 -15.89 -18.74 11.08
N SER B 129 -16.13 -20.01 10.74
CA SER B 129 -17.17 -20.84 11.37
C SER B 129 -16.50 -21.84 12.29
N LEU B 130 -17.07 -22.02 13.46
CA LEU B 130 -16.51 -22.91 14.47
C LEU B 130 -17.62 -23.73 15.11
N SER B 131 -17.45 -25.05 15.11
CA SER B 131 -18.45 -25.95 15.70
C SER B 131 -18.03 -26.35 17.10
N VAL B 132 -19.00 -26.67 17.94
CA VAL B 132 -18.76 -27.05 19.33
C VAL B 132 -19.39 -28.42 19.58
N GLU B 133 -18.65 -29.32 20.21
CA GLU B 133 -19.22 -30.57 20.70
C GLU B 133 -19.73 -30.34 22.11
N ALA B 134 -20.99 -30.67 22.35
CA ALA B 134 -21.58 -30.54 23.69
C ALA B 134 -22.77 -31.49 23.83
N GLU B 135 -23.24 -31.66 25.05
CA GLU B 135 -24.38 -32.56 25.30
C GLU B 135 -25.72 -31.94 24.92
N ASN B 136 -25.81 -30.61 25.00
CA ASN B 136 -26.97 -29.88 24.47
C ASN B 136 -26.61 -28.47 24.04
N ARG B 137 -27.52 -27.78 23.34
CA ARG B 137 -27.28 -26.43 22.84
C ARG B 137 -27.02 -25.42 23.94
N ALA B 138 -27.75 -25.55 25.06
CA ALA B 138 -27.56 -24.67 26.20
C ALA B 138 -26.12 -24.72 26.71
N GLU B 139 -25.57 -25.94 26.80
CA GLU B 139 -24.17 -26.16 27.22
C GLU B 139 -23.19 -25.56 26.19
N ALA B 140 -23.49 -25.76 24.91
CA ALA B 140 -22.70 -25.17 23.82
C ALA B 140 -22.72 -23.64 23.90
N ASN B 141 -23.91 -23.06 24.11
CA ASN B 141 -24.06 -21.61 24.18
C ASN B 141 -23.31 -21.00 25.38
N ARG B 142 -23.34 -21.71 26.51
CA ARG B 142 -22.55 -21.33 27.69
C ARG B 142 -21.06 -21.32 27.37
N PHE B 143 -20.57 -22.36 26.70
CA PHE B 143 -19.18 -22.41 26.28
C PHE B 143 -18.81 -21.26 25.36
N MET B 144 -19.61 -21.03 24.31
CA MET B 144 -19.31 -20.00 23.32
C MET B 144 -19.25 -18.60 23.95
N GLU B 145 -20.21 -18.29 24.82
CA GLU B 145 -20.19 -17.01 25.52
C GLU B 145 -18.90 -16.84 26.34
N SER B 146 -18.44 -17.94 26.94
CA SER B 146 -17.25 -17.94 27.80
C SER B 146 -15.93 -17.66 27.08
N VAL B 147 -15.89 -17.93 25.77
CA VAL B 147 -14.67 -17.73 24.99
C VAL B 147 -14.85 -16.65 23.90
N LEU B 148 -16.03 -16.05 23.86
CA LEU B 148 -16.40 -15.13 22.77
C LEU B 148 -15.43 -13.97 22.56
N PRO B 149 -15.00 -13.27 23.65
CA PRO B 149 -14.01 -12.21 23.47
C PRO B 149 -12.74 -12.66 22.76
N THR B 150 -12.20 -13.81 23.15
CA THR B 150 -11.00 -14.35 22.52
C THR B 150 -11.26 -14.64 21.03
N LEU B 151 -12.32 -15.37 20.73
CA LEU B 151 -12.72 -15.63 19.36
C LEU B 151 -12.84 -14.34 18.52
N TRP B 152 -13.38 -13.29 19.12
CA TRP B 152 -13.65 -12.06 18.39
C TRP B 152 -12.34 -11.42 17.93
N MET B 153 -11.32 -11.50 18.78
CA MET B 153 -9.98 -11.11 18.38
C MET B 153 -9.42 -12.07 17.33
N LEU B 154 -9.51 -13.36 17.61
CA LEU B 154 -9.00 -14.41 16.73
C LEU B 154 -9.48 -14.27 15.28
N LYS B 155 -10.77 -13.97 15.10
CA LYS B 155 -11.31 -13.85 13.75
C LYS B 155 -10.63 -12.74 12.93
N ASP B 156 -10.30 -11.62 13.58
CA ASP B 156 -9.64 -10.51 12.88
C ASP B 156 -8.17 -10.82 12.56
N TYR B 157 -7.48 -11.44 13.50
CA TYR B 157 -6.12 -11.94 13.24
C TYR B 157 -6.09 -12.95 12.09
N ALA B 158 -7.04 -13.89 12.12
CA ALA B 158 -7.17 -14.89 11.05
C ALA B 158 -7.41 -14.24 9.70
N LEU B 159 -8.28 -13.23 9.68
CA LEU B 159 -8.59 -12.49 8.46
C LEU B 159 -7.37 -11.74 7.91
N GLN B 160 -6.64 -11.05 8.77
CA GLN B 160 -5.52 -10.23 8.31
C GLN B 160 -4.46 -11.11 7.69
N SER B 161 -4.14 -12.19 8.40
CA SER B 161 -3.13 -13.16 7.98
C SER B 161 -3.59 -13.96 6.75
N GLY B 162 -4.80 -14.52 6.86
CA GLY B 162 -5.43 -15.33 5.81
C GLY B 162 -5.57 -14.62 4.48
N ALA B 163 -5.88 -13.34 4.54
CA ALA B 163 -6.01 -12.53 3.33
C ALA B 163 -4.69 -12.45 2.58
N GLY B 164 -3.58 -12.39 3.32
CA GLY B 164 -2.25 -12.39 2.75
C GLY B 164 -1.95 -13.74 2.12
N LEU B 165 -2.25 -14.80 2.86
CA LEU B 165 -2.04 -16.17 2.40
C LEU B 165 -2.85 -16.45 1.14
N ALA B 166 -4.11 -16.04 1.16
CA ALA B 166 -5.04 -16.29 0.07
C ALA B 166 -4.70 -15.49 -1.19
N PHE B 167 -4.45 -14.19 -1.02
CA PHE B 167 -4.36 -13.26 -2.14
C PHE B 167 -3.03 -12.51 -2.15
N ALA C 2 16.51 -4.11 1.27
CA ALA C 2 17.98 -4.13 1.02
C ALA C 2 18.28 -3.91 -0.47
N LEU C 3 17.65 -2.89 -1.05
CA LEU C 3 17.78 -2.59 -2.47
C LEU C 3 19.18 -2.06 -2.80
N VAL C 4 19.66 -1.14 -1.94
CA VAL C 4 20.99 -0.57 -2.08
C VAL C 4 22.07 -1.67 -2.01
N ASP C 5 21.89 -2.60 -1.08
CA ASP C 5 22.74 -3.78 -1.00
C ASP C 5 22.77 -4.53 -2.34
N GLY C 6 21.60 -4.68 -2.95
CA GLY C 6 21.47 -5.37 -4.24
C GLY C 6 22.21 -4.64 -5.35
N PHE C 7 22.06 -3.32 -5.37
CA PHE C 7 22.81 -2.46 -6.29
C PHE C 7 24.33 -2.64 -6.17
N LEU C 8 24.83 -2.62 -4.92
CA LEU C 8 26.26 -2.79 -4.69
C LEU C 8 26.74 -4.18 -5.13
N GLU C 9 25.87 -5.18 -4.97
CA GLU C 9 26.15 -6.54 -5.45
C GLU C 9 26.24 -6.58 -6.97
N LEU C 10 25.27 -5.93 -7.64
CA LEU C 10 25.31 -5.79 -9.08
C LEU C 10 26.60 -5.13 -9.53
N GLU C 11 26.95 -4.05 -8.83
CA GLU C 11 28.13 -3.24 -9.17
C GLU C 11 29.45 -4.02 -9.06
N ARG C 12 29.55 -4.90 -8.08
CA ARG C 12 30.81 -5.63 -7.89
C ARG C 12 30.77 -7.06 -8.47
N SER C 13 29.66 -7.43 -9.11
CA SER C 13 29.51 -8.74 -9.74
C SER C 13 30.56 -8.91 -10.84
N SER C 14 31.01 -10.14 -11.05
CA SER C 14 32.19 -10.38 -11.86
C SER C 14 31.93 -10.36 -13.38
N GLY C 15 30.66 -10.44 -13.75
CA GLY C 15 30.26 -10.46 -15.15
C GLY C 15 28.76 -10.62 -15.31
N LYS C 16 28.33 -10.83 -16.56
CA LYS C 16 26.92 -10.90 -16.89
C LYS C 16 26.17 -12.04 -16.20
N LEU C 17 26.77 -13.23 -16.11
CA LEU C 17 26.13 -14.35 -15.45
C LEU C 17 25.72 -14.03 -14.01
N GLU C 18 26.65 -13.49 -13.23
CA GLU C 18 26.38 -13.14 -11.84
C GLU C 18 25.36 -11.99 -11.77
N TRP C 19 25.58 -10.99 -12.63
CA TRP C 19 24.72 -9.81 -12.66
C TRP C 19 23.26 -10.24 -12.88
N SER C 20 23.04 -11.05 -13.91
CA SER C 20 21.69 -11.61 -14.20
C SER C 20 21.12 -12.42 -13.04
N ALA C 21 21.97 -13.18 -12.35
CA ALA C 21 21.50 -14.01 -11.25
C ALA C 21 20.96 -13.13 -10.11
N ILE C 22 21.75 -12.10 -9.76
CA ILE C 22 21.38 -11.13 -8.72
C ILE C 22 20.06 -10.43 -9.07
N LEU C 23 19.98 -9.91 -10.29
CA LEU C 23 18.78 -9.19 -10.69
C LEU C 23 17.54 -10.07 -10.71
N GLN C 24 17.66 -11.27 -11.27
CA GLN C 24 16.55 -12.23 -11.30
C GLN C 24 16.07 -12.62 -9.90
N LYS C 25 17.00 -12.79 -8.97
CA LYS C 25 16.65 -13.04 -7.58
C LYS C 25 15.94 -11.84 -6.96
N MET C 26 16.48 -10.64 -7.15
CA MET C 26 15.82 -9.41 -6.66
C MET C 26 14.37 -9.35 -7.13
N ALA C 27 14.16 -9.57 -8.43
CA ALA C 27 12.81 -9.56 -9.00
C ALA C 27 11.95 -10.74 -8.53
N SER C 28 12.56 -11.91 -8.34
CA SER C 28 11.83 -13.09 -7.86
C SER C 28 11.44 -12.94 -6.39
N ASP C 29 12.36 -12.45 -5.57
CA ASP C 29 12.07 -12.19 -4.15
C ASP C 29 10.91 -11.20 -4.01
N LEU C 30 10.91 -10.18 -4.86
CA LEU C 30 9.85 -9.17 -4.87
C LEU C 30 8.50 -9.73 -5.29
N GLY C 31 8.52 -10.84 -6.04
CA GLY C 31 7.29 -11.54 -6.43
C GLY C 31 7.04 -11.73 -7.91
N PHE C 32 7.99 -11.34 -8.76
CA PHE C 32 7.81 -11.49 -10.21
C PHE C 32 8.32 -12.82 -10.74
N SER C 33 7.81 -13.22 -11.90
CA SER C 33 8.17 -14.51 -12.49
C SER C 33 9.36 -14.41 -13.43
N LYS C 34 9.10 -13.94 -14.65
CA LYS C 34 10.18 -13.80 -15.60
C LYS C 34 10.51 -12.34 -15.81
N ILE C 35 11.78 -12.07 -16.05
CA ILE C 35 12.22 -10.71 -16.28
C ILE C 35 13.09 -10.62 -17.52
N LEU C 36 13.01 -9.46 -18.16
CA LEU C 36 13.93 -9.09 -19.19
C LEU C 36 14.42 -7.68 -18.88
N PHE C 37 15.73 -7.53 -18.95
CA PHE C 37 16.42 -6.26 -18.89
C PHE C 37 17.10 -6.11 -20.23
N GLY C 38 16.66 -5.12 -21.00
CA GLY C 38 17.30 -4.86 -22.28
C GLY C 38 17.86 -3.46 -22.32
N LEU C 39 18.97 -3.28 -23.02
CA LEU C 39 19.65 -1.99 -23.06
C LEU C 39 20.38 -1.75 -24.38
N LEU C 40 20.23 -0.54 -24.91
CA LEU C 40 20.95 -0.11 -26.11
C LEU C 40 21.75 1.17 -25.82
N PRO C 41 22.88 1.36 -26.52
CA PRO C 41 23.64 2.58 -26.33
C PRO C 41 22.93 3.76 -27.01
N LYS C 42 23.41 4.97 -26.71
CA LYS C 42 22.87 6.20 -27.28
C LYS C 42 22.77 6.12 -28.80
N ASP C 43 21.63 6.54 -29.34
CA ASP C 43 21.43 6.67 -30.80
C ASP C 43 21.35 5.35 -31.57
N SER C 44 21.15 4.25 -30.85
CA SER C 44 21.03 2.97 -31.51
C SER C 44 19.55 2.57 -31.59
N GLN C 45 19.15 2.01 -32.73
CA GLN C 45 17.83 1.38 -32.85
C GLN C 45 17.99 -0.12 -33.16
N ASP C 46 19.17 -0.65 -32.86
CA ASP C 46 19.52 -2.03 -33.21
C ASP C 46 19.00 -3.05 -32.20
N TYR C 47 17.67 -3.18 -32.10
CA TYR C 47 17.05 -4.02 -31.09
C TYR C 47 17.51 -5.47 -31.09
N GLU C 48 17.74 -6.03 -32.27
CA GLU C 48 18.14 -7.42 -32.41
C GLU C 48 19.54 -7.69 -31.88
N ASN C 49 20.28 -6.62 -31.59
CA ASN C 49 21.61 -6.71 -31.01
C ASN C 49 21.73 -6.01 -29.64
N ALA C 50 20.60 -5.78 -28.99
CA ALA C 50 20.58 -5.18 -27.67
C ALA C 50 21.28 -6.06 -26.65
N PHE C 51 21.70 -5.45 -25.54
CA PHE C 51 22.21 -6.18 -24.40
C PHE C 51 20.99 -6.69 -23.66
N ILE C 52 20.78 -8.00 -23.66
CA ILE C 52 19.62 -8.61 -22.99
C ILE C 52 20.03 -9.47 -21.82
N VAL C 53 19.35 -9.27 -20.70
CA VAL C 53 19.55 -10.06 -19.50
C VAL C 53 18.21 -10.64 -19.05
N GLY C 54 18.23 -11.87 -18.57
CA GLY C 54 17.08 -12.38 -17.85
C GLY C 54 16.72 -13.80 -18.17
N ASN C 55 15.51 -14.18 -17.81
CA ASN C 55 15.06 -15.55 -17.95
C ASN C 55 13.82 -15.72 -18.82
N TYR C 56 13.59 -14.80 -19.76
CA TYR C 56 12.53 -15.03 -20.73
C TYR C 56 12.93 -16.30 -21.49
N PRO C 57 11.96 -17.14 -21.88
CA PRO C 57 12.32 -18.38 -22.59
C PRO C 57 13.18 -18.10 -23.82
N ALA C 58 14.23 -18.90 -23.97
CA ALA C 58 15.19 -18.68 -25.05
C ALA C 58 14.51 -18.67 -26.41
N ALA C 59 13.54 -19.56 -26.60
CA ALA C 59 12.84 -19.70 -27.88
C ALA C 59 11.95 -18.50 -28.18
N TRP C 60 11.41 -17.90 -27.13
CA TRP C 60 10.66 -16.64 -27.28
C TRP C 60 11.59 -15.49 -27.71
N ARG C 61 12.71 -15.32 -27.03
CA ARG C 61 13.70 -14.32 -27.41
C ARG C 61 14.14 -14.45 -28.87
N GLU C 62 14.35 -15.69 -29.30
CA GLU C 62 14.77 -15.99 -30.67
C GLU C 62 13.71 -15.62 -31.71
N HIS C 63 12.47 -15.97 -31.41
CA HIS C 63 11.31 -15.68 -32.27
C HIS C 63 11.08 -14.17 -32.40
N TYR C 64 11.12 -13.48 -31.27
CA TYR C 64 10.97 -12.02 -31.26
C TYR C 64 11.99 -11.37 -32.19
N ASP C 65 13.23 -11.85 -32.12
CA ASP C 65 14.29 -11.34 -32.96
C ASP C 65 14.05 -11.69 -34.43
N ARG C 66 13.73 -12.96 -34.67
CA ARG C 66 13.44 -13.47 -36.02
C ARG C 66 12.31 -12.69 -36.69
N ALA C 67 11.23 -12.48 -35.96
CA ALA C 67 10.03 -11.82 -36.48
C ALA C 67 10.09 -10.30 -36.48
N GLY C 68 11.17 -9.74 -35.90
CA GLY C 68 11.35 -8.30 -35.79
C GLY C 68 10.23 -7.66 -34.98
N TYR C 69 9.83 -8.30 -33.89
CA TYR C 69 8.69 -7.79 -33.10
C TYR C 69 8.94 -6.44 -32.44
N ALA C 70 10.20 -6.00 -32.41
CA ALA C 70 10.49 -4.67 -31.84
C ALA C 70 9.75 -3.59 -32.63
N ARG C 71 9.46 -3.89 -33.90
CA ARG C 71 8.73 -2.98 -34.78
C ARG C 71 7.25 -2.84 -34.39
N VAL C 72 6.70 -3.83 -33.69
CA VAL C 72 5.28 -3.83 -33.32
C VAL C 72 4.98 -3.81 -31.83
N ASP C 73 5.92 -4.30 -31.02
CA ASP C 73 5.75 -4.36 -29.56
C ASP C 73 5.34 -2.97 -29.05
N PRO C 74 4.13 -2.86 -28.49
CA PRO C 74 3.67 -1.54 -28.02
C PRO C 74 4.47 -1.02 -26.82
N THR C 75 5.12 -1.92 -26.07
CA THR C 75 5.96 -1.47 -24.95
C THR C 75 7.23 -0.80 -25.47
N VAL C 76 7.74 -1.26 -26.62
CA VAL C 76 8.90 -0.60 -27.23
C VAL C 76 8.60 0.84 -27.64
N SER C 77 7.50 1.04 -28.35
CA SER C 77 7.14 2.40 -28.77
C SER C 77 6.93 3.28 -27.55
N HIS C 78 6.28 2.73 -26.52
CA HIS C 78 6.06 3.47 -25.27
C HIS C 78 7.37 3.90 -24.62
N CYS C 79 8.32 2.97 -24.51
CA CYS C 79 9.63 3.30 -23.95
C CYS C 79 10.34 4.48 -24.63
N THR C 80 10.15 4.64 -25.94
CA THR C 80 10.80 5.73 -26.66
C THR C 80 10.22 7.09 -26.33
N GLN C 81 9.03 7.07 -25.72
CA GLN C 81 8.26 8.29 -25.51
C GLN C 81 8.13 8.71 -24.04
N SER C 82 8.43 7.80 -23.11
CA SER C 82 8.07 8.04 -21.71
C SER C 82 9.03 7.39 -20.72
N VAL C 83 9.03 7.93 -19.49
CA VAL C 83 9.75 7.35 -18.36
C VAL C 83 8.78 6.60 -17.45
N LEU C 84 7.48 6.66 -17.76
CA LEU C 84 6.47 6.04 -16.91
C LEU C 84 6.18 4.59 -17.32
N PRO C 85 5.69 3.74 -16.38
CA PRO C 85 5.51 2.34 -16.76
C PRO C 85 4.33 2.13 -17.72
N ILE C 86 4.40 1.07 -18.49
CA ILE C 86 3.26 0.61 -19.28
C ILE C 86 2.84 -0.77 -18.75
N PHE C 87 1.58 -0.89 -18.35
CA PHE C 87 1.05 -2.14 -17.82
C PHE C 87 0.51 -3.01 -18.94
N TRP C 88 0.73 -4.32 -18.86
CA TRP C 88 0.33 -5.21 -19.96
C TRP C 88 -1.17 -5.50 -19.83
N GLU C 89 -1.92 -4.96 -20.77
CA GLU C 89 -3.37 -5.03 -20.77
C GLU C 89 -3.85 -5.13 -22.20
N PRO C 90 -5.04 -5.72 -22.42
CA PRO C 90 -5.58 -5.78 -23.79
C PRO C 90 -5.53 -4.45 -24.57
N SER C 91 -5.82 -3.32 -23.91
CA SER C 91 -5.87 -2.02 -24.58
C SER C 91 -4.57 -1.54 -25.27
N ILE C 92 -3.42 -2.08 -24.87
CA ILE C 92 -2.14 -1.66 -25.47
C ILE C 92 -1.87 -2.29 -26.83
N TYR C 93 -2.61 -3.35 -27.16
CA TYR C 93 -2.49 -4.02 -28.45
C TYR C 93 -3.62 -3.51 -29.34
N GLN C 94 -3.25 -2.74 -30.37
CA GLN C 94 -4.24 -1.95 -31.14
C GLN C 94 -4.33 -2.26 -32.64
N THR C 95 -3.19 -2.57 -33.24
CA THR C 95 -3.15 -2.89 -34.66
C THR C 95 -3.37 -4.38 -34.82
N ARG C 96 -3.70 -4.82 -36.03
CA ARG C 96 -3.82 -6.25 -36.30
C ARG C 96 -2.55 -7.03 -35.91
N LYS C 97 -1.38 -6.48 -36.27
CA LYS C 97 -0.12 -7.16 -35.97
C LYS C 97 0.12 -7.26 -34.46
N GLN C 98 -0.30 -6.23 -33.73
CA GLN C 98 -0.15 -6.22 -32.27
C GLN C 98 -1.02 -7.29 -31.58
N HIS C 99 -2.19 -7.55 -32.14
CA HIS C 99 -3.02 -8.65 -31.66
C HIS C 99 -2.35 -10.01 -31.87
N GLU C 100 -1.72 -10.18 -33.03
CA GLU C 100 -0.98 -11.41 -33.36
C GLU C 100 0.20 -11.57 -32.40
N PHE C 101 0.91 -10.47 -32.21
CA PHE C 101 2.04 -10.43 -31.27
C PHE C 101 1.63 -10.84 -29.86
N PHE C 102 0.53 -10.27 -29.36
CA PHE C 102 0.08 -10.67 -28.03
C PHE C 102 -0.15 -12.18 -27.92
N GLU C 103 -0.78 -12.78 -28.93
CA GLU C 103 -1.11 -14.20 -28.82
C GLU C 103 0.16 -15.05 -28.70
N GLU C 104 1.20 -14.67 -29.42
CA GLU C 104 2.49 -15.36 -29.34
C GLU C 104 3.16 -15.12 -27.99
N ALA C 105 3.20 -13.87 -27.54
CA ALA C 105 3.82 -13.51 -26.27
C ALA C 105 3.17 -14.23 -25.09
N SER C 106 1.86 -14.39 -25.17
CA SER C 106 1.10 -15.05 -24.13
C SER C 106 1.53 -16.49 -23.89
N ALA C 107 1.93 -17.20 -24.94
CA ALA C 107 2.41 -18.57 -24.79
C ALA C 107 3.76 -18.64 -24.08
N ALA C 108 4.51 -17.54 -24.11
CA ALA C 108 5.76 -17.44 -23.35
C ALA C 108 5.48 -17.03 -21.92
N GLY C 109 4.21 -16.86 -21.57
CA GLY C 109 3.80 -16.48 -20.22
C GLY C 109 3.69 -14.98 -20.01
N LEU C 110 3.64 -14.21 -21.09
CA LEU C 110 3.60 -12.75 -20.94
C LEU C 110 2.19 -12.20 -21.06
N VAL C 111 1.41 -12.43 -19.99
CA VAL C 111 0.00 -12.05 -19.92
C VAL C 111 -0.22 -10.89 -18.94
N TYR C 112 0.26 -11.06 -17.73
CA TYR C 112 0.22 -10.02 -16.68
C TYR C 112 1.59 -9.49 -16.37
N GLY C 113 1.70 -8.18 -16.21
CA GLY C 113 2.96 -7.59 -15.81
C GLY C 113 3.06 -6.16 -16.27
N LEU C 114 4.29 -5.66 -16.33
CA LEU C 114 4.52 -4.29 -16.78
C LEU C 114 5.93 -4.08 -17.33
N THR C 115 6.11 -2.97 -18.03
CA THR C 115 7.42 -2.61 -18.52
C THR C 115 7.78 -1.23 -18.01
N MET C 116 8.95 -1.15 -17.38
CA MET C 116 9.50 0.14 -16.92
C MET C 116 10.51 0.61 -17.95
N PRO C 117 10.23 1.76 -18.62
CA PRO C 117 11.22 2.30 -19.56
C PRO C 117 12.50 2.69 -18.83
N LEU C 118 13.64 2.47 -19.50
CA LEU C 118 14.94 2.89 -18.93
C LEU C 118 15.59 3.92 -19.83
N HIS C 119 15.97 5.06 -19.22
CA HIS C 119 16.66 6.13 -19.93
C HIS C 119 17.85 6.55 -19.08
N GLY C 120 19.03 6.16 -19.53
CA GLY C 120 20.26 6.37 -18.73
C GLY C 120 20.90 7.74 -18.88
N ALA C 121 21.80 8.06 -17.97
CA ALA C 121 22.51 9.35 -17.99
C ALA C 121 23.36 9.58 -19.24
N ARG C 122 23.81 8.50 -19.88
CA ARG C 122 24.63 8.60 -21.09
C ARG C 122 23.84 8.33 -22.38
N GLY C 123 22.52 8.47 -22.28
CA GLY C 123 21.65 8.28 -23.44
C GLY C 123 21.25 6.83 -23.71
N GLU C 124 21.62 5.93 -22.81
CA GLU C 124 21.18 4.53 -22.93
C GLU C 124 19.66 4.45 -22.96
N LEU C 125 19.14 3.52 -23.77
CA LEU C 125 17.70 3.29 -23.90
C LEU C 125 17.38 1.84 -23.60
N GLY C 126 16.42 1.59 -22.74
CA GLY C 126 16.18 0.22 -22.31
C GLY C 126 14.80 -0.04 -21.76
N ALA C 127 14.63 -1.26 -21.26
CA ALA C 127 13.38 -1.66 -20.63
C ALA C 127 13.66 -2.69 -19.55
N LEU C 128 12.95 -2.57 -18.44
CA LEU C 128 12.83 -3.65 -17.48
C LEU C 128 11.39 -4.15 -17.49
N SER C 129 11.22 -5.33 -18.08
CA SER C 129 9.93 -6.00 -18.20
C SER C 129 9.86 -7.08 -17.17
N LEU C 130 8.73 -7.15 -16.47
CA LEU C 130 8.55 -8.11 -15.40
C LEU C 130 7.15 -8.71 -15.47
N SER C 131 7.11 -10.04 -15.51
CA SER C 131 5.84 -10.75 -15.61
C SER C 131 5.41 -11.23 -14.23
N VAL C 132 4.10 -11.41 -14.07
CA VAL C 132 3.49 -11.88 -12.84
C VAL C 132 2.63 -13.09 -13.16
N GLU C 133 2.85 -14.18 -12.42
CA GLU C 133 1.92 -15.32 -12.46
C GLU C 133 0.78 -15.03 -11.50
N ALA C 134 -0.45 -15.05 -12.01
CA ALA C 134 -1.64 -14.75 -11.20
C ALA C 134 -2.83 -15.53 -11.71
N GLU C 135 -3.77 -15.82 -10.81
CA GLU C 135 -4.97 -16.58 -11.21
C GLU C 135 -5.87 -15.75 -12.12
N ASN C 136 -5.81 -14.43 -11.99
CA ASN C 136 -6.61 -13.51 -12.79
C ASN C 136 -6.06 -12.08 -12.74
N ARG C 137 -6.60 -11.22 -13.61
CA ARG C 137 -6.13 -9.84 -13.78
C ARG C 137 -6.31 -8.98 -12.52
N ALA C 138 -7.38 -9.23 -11.76
CA ALA C 138 -7.59 -8.52 -10.50
C ALA C 138 -6.51 -8.86 -9.47
N GLU C 139 -6.15 -10.13 -9.36
CA GLU C 139 -5.09 -10.50 -8.42
C GLU C 139 -3.74 -9.94 -8.87
N ALA C 140 -3.50 -9.90 -10.19
CA ALA C 140 -2.24 -9.38 -10.73
C ALA C 140 -2.06 -7.89 -10.45
N ASN C 141 -3.13 -7.12 -10.72
CA ASN C 141 -3.14 -5.68 -10.46
C ASN C 141 -2.90 -5.33 -9.00
N ARG C 142 -3.44 -6.15 -8.09
CA ARG C 142 -3.28 -5.92 -6.65
C ARG C 142 -1.85 -6.14 -6.22
N PHE C 143 -1.22 -7.18 -6.77
CA PHE C 143 0.18 -7.44 -6.49
C PHE C 143 1.04 -6.28 -6.97
N MET C 144 0.84 -5.87 -8.23
CA MET C 144 1.64 -4.81 -8.84
C MET C 144 1.51 -3.47 -8.10
N GLU C 145 0.29 -3.10 -7.74
CA GLU C 145 0.06 -1.91 -6.90
C GLU C 145 0.87 -1.95 -5.59
N SER C 146 1.01 -3.14 -5.00
CA SER C 146 1.68 -3.31 -3.70
C SER C 146 3.20 -3.20 -3.79
N VAL C 147 3.75 -3.46 -4.97
CA VAL C 147 5.20 -3.50 -5.16
C VAL C 147 5.73 -2.34 -6.01
N LEU C 148 4.82 -1.56 -6.60
CA LEU C 148 5.22 -0.53 -7.57
C LEU C 148 6.29 0.45 -7.06
N PRO C 149 6.12 1.01 -5.84
CA PRO C 149 7.17 1.90 -5.34
C PRO C 149 8.55 1.25 -5.22
N THR C 150 8.59 -0.01 -4.79
CA THR C 150 9.85 -0.75 -4.67
C THR C 150 10.43 -1.00 -6.06
N LEU C 151 9.59 -1.49 -6.96
CA LEU C 151 10.04 -1.69 -8.34
C LEU C 151 10.50 -0.39 -9.01
N TRP C 152 9.84 0.73 -8.72
CA TRP C 152 10.24 2.02 -9.29
C TRP C 152 11.69 2.39 -8.94
N MET C 153 12.09 2.14 -7.69
CA MET C 153 13.50 2.30 -7.31
C MET C 153 14.39 1.27 -7.98
N LEU C 154 13.97 0.00 -7.94
CA LEU C 154 14.71 -1.12 -8.52
C LEU C 154 15.15 -0.86 -9.96
N LYS C 155 14.22 -0.41 -10.79
CA LYS C 155 14.54 -0.19 -12.20
C LYS C 155 15.68 0.81 -12.43
N ASP C 156 15.77 1.83 -11.58
CA ASP C 156 16.85 2.81 -11.73
C ASP C 156 18.19 2.23 -11.24
N TYR C 157 18.15 1.43 -10.16
CA TYR C 157 19.36 0.71 -9.71
C TYR C 157 19.86 -0.23 -10.81
N ALA C 158 18.93 -0.97 -11.43
CA ALA C 158 19.26 -1.91 -12.49
C ALA C 158 19.85 -1.19 -13.70
N LEU C 159 19.21 -0.09 -14.10
CA LEU C 159 19.74 0.75 -15.17
C LEU C 159 21.15 1.24 -14.84
N GLN C 160 21.34 1.83 -13.66
CA GLN C 160 22.62 2.46 -13.37
C GLN C 160 23.76 1.45 -13.41
N SER C 161 23.53 0.29 -12.82
CA SER C 161 24.57 -0.75 -12.81
C SER C 161 24.71 -1.41 -14.18
N GLY C 162 23.57 -1.69 -14.80
CA GLY C 162 23.53 -2.42 -16.07
C GLY C 162 24.22 -1.69 -17.19
N ALA C 163 24.13 -0.35 -17.20
CA ALA C 163 24.80 0.47 -18.21
C ALA C 163 26.34 0.30 -18.15
N GLY C 164 26.86 0.12 -16.95
CA GLY C 164 28.29 -0.11 -16.76
C GLY C 164 28.74 -1.49 -17.18
N LEU C 165 27.80 -2.43 -17.25
CA LEU C 165 28.07 -3.82 -17.67
C LEU C 165 27.93 -3.95 -19.19
N ALA C 166 26.85 -3.39 -19.71
CA ALA C 166 26.62 -3.42 -21.14
C ALA C 166 27.73 -2.65 -21.86
N PHE C 167 28.08 -1.48 -21.32
CA PHE C 167 28.99 -0.52 -21.95
C PHE C 167 29.99 -0.03 -20.90
N ALA D 2 -4.77 3.72 -7.57
CA ALA D 2 -5.02 4.75 -6.53
C ALA D 2 -3.71 5.34 -6.02
N LEU D 3 -2.71 4.47 -5.88
CA LEU D 3 -1.35 4.84 -5.45
C LEU D 3 -0.79 6.08 -6.17
N VAL D 4 -1.01 6.14 -7.48
CA VAL D 4 -0.45 7.21 -8.31
C VAL D 4 -1.48 8.23 -8.77
N ASP D 5 -2.72 8.10 -8.30
CA ASP D 5 -3.82 9.00 -8.69
C ASP D 5 -3.46 10.46 -8.42
N GLY D 6 -2.85 10.72 -7.25
CA GLY D 6 -2.40 12.06 -6.87
C GLY D 6 -1.45 12.67 -7.88
N PHE D 7 -0.54 11.85 -8.41
CA PHE D 7 0.44 12.29 -9.42
C PHE D 7 -0.20 12.82 -10.71
N LEU D 8 -1.44 12.41 -10.97
CA LEU D 8 -2.14 12.81 -12.21
C LEU D 8 -2.43 14.32 -12.31
N GLU D 9 -2.46 15.01 -11.17
CA GLU D 9 -2.67 16.47 -11.14
C GLU D 9 -1.61 17.25 -11.92
N LEU D 10 -0.39 16.69 -12.02
CA LEU D 10 0.69 17.35 -12.78
C LEU D 10 0.38 17.52 -14.28
N GLU D 11 -0.44 16.63 -14.84
CA GLU D 11 -0.84 16.73 -16.25
C GLU D 11 -2.06 17.63 -16.52
N ARG D 12 -2.82 17.93 -15.48
CA ARG D 12 -4.05 18.73 -15.61
C ARG D 12 -3.85 20.22 -15.33
N SER D 13 -2.59 20.63 -15.19
CA SER D 13 -2.26 22.01 -14.89
C SER D 13 -2.37 22.90 -16.14
N SER D 14 -2.55 24.19 -15.92
CA SER D 14 -2.57 25.15 -17.00
C SER D 14 -1.46 26.17 -16.78
N GLY D 15 -0.37 26.01 -17.53
CA GLY D 15 0.76 26.92 -17.43
C GLY D 15 1.69 26.64 -16.27
N LYS D 16 2.80 27.37 -16.28
CA LYS D 16 3.90 27.16 -15.34
C LYS D 16 3.49 27.48 -13.91
N LEU D 17 2.75 28.57 -13.70
CA LEU D 17 2.38 28.94 -12.33
C LEU D 17 1.61 27.83 -11.61
N GLU D 18 0.57 27.29 -12.24
CA GLU D 18 -0.23 26.24 -11.60
C GLU D 18 0.56 24.93 -11.41
N TRP D 19 1.38 24.59 -12.40
CA TRP D 19 2.23 23.40 -12.31
C TRP D 19 3.22 23.55 -11.14
N SER D 20 3.83 24.72 -11.03
CA SER D 20 4.77 25.00 -9.92
C SER D 20 4.06 24.87 -8.57
N ALA D 21 2.84 25.37 -8.49
CA ALA D 21 2.05 25.29 -7.24
C ALA D 21 1.74 23.86 -6.86
N ILE D 22 1.33 23.07 -7.84
CA ILE D 22 1.07 21.65 -7.63
C ILE D 22 2.34 20.93 -7.20
N LEU D 23 3.44 21.14 -7.92
CA LEU D 23 4.70 20.47 -7.58
C LEU D 23 5.18 20.82 -6.17
N GLN D 24 5.13 22.11 -5.83
CA GLN D 24 5.52 22.60 -4.49
C GLN D 24 4.68 21.99 -3.37
N LYS D 25 3.38 21.85 -3.60
CA LYS D 25 2.49 21.28 -2.58
C LYS D 25 2.78 19.79 -2.33
N MET D 26 3.04 19.07 -3.41
CA MET D 26 3.39 17.65 -3.33
C MET D 26 4.67 17.49 -2.51
N ALA D 27 5.66 18.34 -2.81
CA ALA D 27 6.93 18.35 -2.08
C ALA D 27 6.69 18.68 -0.60
N SER D 28 5.90 19.72 -0.34
CA SER D 28 5.54 20.10 1.05
C SER D 28 4.85 18.98 1.83
N ASP D 29 3.97 18.26 1.14
CA ASP D 29 3.27 17.12 1.73
C ASP D 29 4.24 15.99 2.05
N LEU D 30 5.32 15.91 1.29
CA LEU D 30 6.37 14.94 1.55
C LEU D 30 7.39 15.45 2.59
N GLY D 31 7.20 16.69 3.05
CA GLY D 31 8.01 17.24 4.16
C GLY D 31 9.17 18.13 3.73
N PHE D 32 9.15 18.57 2.48
CA PHE D 32 10.22 19.42 1.92
C PHE D 32 9.72 20.84 1.70
N SER D 33 10.33 21.80 2.41
CA SER D 33 9.94 23.21 2.35
C SER D 33 10.39 23.93 1.08
N LYS D 34 11.46 23.45 0.47
CA LYS D 34 12.03 24.12 -0.70
C LYS D 34 12.31 23.09 -1.75
N ILE D 35 11.96 23.43 -2.99
CA ILE D 35 12.23 22.52 -4.09
C ILE D 35 12.63 23.28 -5.34
N LEU D 36 13.45 22.62 -6.15
CA LEU D 36 13.79 23.13 -7.46
C LEU D 36 13.72 22.00 -8.45
N PHE D 37 13.00 22.26 -9.55
CA PHE D 37 12.94 21.36 -10.72
C PHE D 37 13.63 22.12 -11.85
N GLY D 38 14.69 21.55 -12.39
CA GLY D 38 15.44 22.20 -13.46
C GLY D 38 15.54 21.26 -14.63
N LEU D 39 15.40 21.78 -15.84
CA LEU D 39 15.39 20.93 -17.03
C LEU D 39 16.07 21.59 -18.22
N LEU D 40 16.84 20.80 -18.94
CA LEU D 40 17.48 21.26 -20.17
C LEU D 40 17.16 20.32 -21.33
N PRO D 41 17.11 20.86 -22.55
CA PRO D 41 16.90 20.00 -23.72
C PRO D 41 18.10 19.11 -24.00
N LYS D 42 17.93 18.09 -24.86
CA LYS D 42 19.00 17.14 -25.15
C LYS D 42 20.26 17.87 -25.58
N ASP D 43 21.41 17.36 -25.14
CA ASP D 43 22.72 17.85 -25.58
C ASP D 43 23.15 19.17 -24.92
N SER D 44 22.22 19.84 -24.25
CA SER D 44 22.56 21.12 -23.63
C SER D 44 23.19 20.96 -22.25
N GLN D 45 24.19 21.79 -21.98
CA GLN D 45 24.75 21.92 -20.65
C GLN D 45 24.76 23.40 -20.25
N ASP D 46 23.76 24.13 -20.74
CA ASP D 46 23.67 25.56 -20.51
C ASP D 46 22.81 25.81 -19.27
N TYR D 47 23.38 25.48 -18.11
CA TYR D 47 22.61 25.48 -16.87
C TYR D 47 22.01 26.83 -16.51
N GLU D 48 22.72 27.90 -16.85
CA GLU D 48 22.22 29.28 -16.63
C GLU D 48 20.97 29.62 -17.44
N ASN D 49 20.62 28.79 -18.43
CA ASN D 49 19.39 28.99 -19.20
C ASN D 49 18.44 27.80 -19.14
N ALA D 50 18.56 27.01 -18.07
CA ALA D 50 17.65 25.89 -17.82
C ALA D 50 16.24 26.38 -17.51
N PHE D 51 15.25 25.53 -17.77
CA PHE D 51 13.88 25.73 -17.30
C PHE D 51 13.88 25.43 -15.82
N ILE D 52 13.55 26.42 -15.00
CA ILE D 52 13.55 26.26 -13.56
C ILE D 52 12.18 26.51 -12.98
N VAL D 53 11.76 25.61 -12.10
CA VAL D 53 10.51 25.72 -11.36
C VAL D 53 10.81 25.58 -9.89
N GLY D 54 10.08 26.32 -9.05
CA GLY D 54 10.14 26.08 -7.61
C GLY D 54 10.24 27.31 -6.73
N ASN D 55 10.59 27.06 -5.48
CA ASN D 55 10.53 28.10 -4.45
C ASN D 55 11.85 28.33 -3.71
N TYR D 56 12.98 27.96 -4.33
CA TYR D 56 14.29 28.39 -3.81
C TYR D 56 14.29 29.91 -3.78
N PRO D 57 14.92 30.52 -2.75
CA PRO D 57 14.95 32.00 -2.65
C PRO D 57 15.46 32.62 -3.94
N ALA D 58 14.73 33.59 -4.48
CA ALA D 58 15.11 34.22 -5.74
C ALA D 58 16.55 34.74 -5.75
N ALA D 59 16.97 35.35 -4.64
CA ALA D 59 18.32 35.91 -4.53
C ALA D 59 19.40 34.83 -4.60
N TRP D 60 19.06 33.63 -4.11
CA TRP D 60 19.98 32.50 -4.19
C TRP D 60 20.12 32.01 -5.63
N ARG D 61 18.98 31.88 -6.32
CA ARG D 61 18.98 31.48 -7.73
C ARG D 61 19.78 32.47 -8.59
N GLU D 62 19.62 33.78 -8.32
CA GLU D 62 20.36 34.82 -9.04
C GLU D 62 21.88 34.73 -8.80
N HIS D 63 22.25 34.49 -7.54
CA HIS D 63 23.64 34.32 -7.16
C HIS D 63 24.25 33.05 -7.77
N TYR D 64 23.51 31.95 -7.71
CA TYR D 64 23.98 30.70 -8.29
C TYR D 64 24.37 30.91 -9.76
N ASP D 65 23.53 31.64 -10.49
CA ASP D 65 23.76 31.92 -11.92
C ASP D 65 24.96 32.84 -12.15
N ARG D 66 25.01 33.93 -11.37
CA ARG D 66 26.04 34.95 -11.52
C ARG D 66 27.41 34.38 -11.19
N ALA D 67 27.47 33.54 -10.17
CA ALA D 67 28.71 32.91 -9.71
C ALA D 67 29.10 31.66 -10.49
N GLY D 68 28.21 31.22 -11.38
CA GLY D 68 28.43 29.99 -12.16
C GLY D 68 28.64 28.74 -11.32
N TYR D 69 27.83 28.59 -10.27
CA TYR D 69 27.99 27.47 -9.34
C TYR D 69 27.72 26.08 -9.93
N ALA D 70 27.05 26.02 -11.07
CA ALA D 70 26.85 24.74 -11.75
C ALA D 70 28.19 24.08 -12.08
N ARG D 71 29.22 24.92 -12.24
CA ARG D 71 30.59 24.45 -12.48
C ARG D 71 31.18 23.70 -11.28
N VAL D 72 30.68 24.01 -10.07
CA VAL D 72 31.21 23.48 -8.79
C VAL D 72 30.27 22.52 -8.04
N ASP D 73 28.98 22.83 -8.10
CA ASP D 73 27.92 22.06 -7.45
C ASP D 73 28.09 20.55 -7.73
N PRO D 74 28.35 19.74 -6.68
CA PRO D 74 28.58 18.32 -6.89
C PRO D 74 27.34 17.55 -7.33
N THR D 75 26.15 18.11 -7.12
CA THR D 75 24.93 17.43 -7.59
C THR D 75 24.79 17.52 -9.10
N VAL D 76 25.20 18.64 -9.68
CA VAL D 76 25.18 18.84 -11.13
C VAL D 76 26.00 17.79 -11.87
N SER D 77 27.29 17.67 -11.52
CA SER D 77 28.15 16.64 -12.10
C SER D 77 27.57 15.24 -11.89
N HIS D 78 27.07 14.97 -10.68
CA HIS D 78 26.43 13.70 -10.39
C HIS D 78 25.30 13.38 -11.37
N CYS D 79 24.44 14.37 -11.62
CA CYS D 79 23.27 14.17 -12.49
C CYS D 79 23.68 13.80 -13.91
N THR D 80 24.84 14.25 -14.36
CA THR D 80 25.29 13.98 -15.75
C THR D 80 25.78 12.54 -15.89
N GLN D 81 25.97 11.88 -14.75
CA GLN D 81 26.58 10.55 -14.71
C GLN D 81 25.67 9.45 -14.15
N SER D 82 24.54 9.83 -13.55
CA SER D 82 23.74 8.87 -12.82
C SER D 82 22.24 9.16 -12.86
N VAL D 83 21.46 8.10 -12.67
CA VAL D 83 19.99 8.19 -12.48
C VAL D 83 19.62 8.07 -11.00
N LEU D 84 20.62 7.89 -10.15
CA LEU D 84 20.35 7.65 -8.73
C LEU D 84 20.44 8.95 -7.91
N PRO D 85 19.68 9.05 -6.80
CA PRO D 85 19.71 10.26 -6.01
C PRO D 85 21.09 10.51 -5.39
N ILE D 86 21.39 11.77 -5.14
CA ILE D 86 22.58 12.15 -4.36
C ILE D 86 22.06 12.88 -3.11
N PHE D 87 22.39 12.36 -1.92
CA PHE D 87 21.98 13.00 -0.68
C PHE D 87 23.00 14.06 -0.30
N TRP D 88 22.52 15.19 0.23
CA TRP D 88 23.42 16.31 0.47
C TRP D 88 24.14 16.07 1.79
N GLU D 89 25.29 15.44 1.71
CA GLU D 89 26.08 15.17 2.89
C GLU D 89 27.46 15.80 2.77
N PRO D 90 28.15 16.02 3.92
CA PRO D 90 29.45 16.68 3.84
C PRO D 90 30.41 15.98 2.86
N SER D 91 30.32 14.66 2.74
CA SER D 91 31.23 13.89 1.88
C SER D 91 31.18 14.30 0.41
N ILE D 92 30.05 14.85 -0.05
CA ILE D 92 29.92 15.22 -1.46
C ILE D 92 30.62 16.55 -1.80
N TYR D 93 30.96 17.32 -0.77
CA TYR D 93 31.70 18.57 -0.97
C TYR D 93 33.18 18.30 -0.65
N GLN D 94 33.97 18.06 -1.69
CA GLN D 94 35.33 17.52 -1.52
C GLN D 94 36.43 18.54 -1.82
N THR D 95 36.22 19.35 -2.85
CA THR D 95 37.20 20.36 -3.21
C THR D 95 37.02 21.60 -2.32
N ARG D 96 38.06 22.42 -2.25
CA ARG D 96 38.01 23.69 -1.52
C ARG D 96 36.84 24.57 -2.03
N LYS D 97 36.70 24.64 -3.35
CA LYS D 97 35.61 25.42 -3.99
C LYS D 97 34.20 24.88 -3.67
N GLN D 98 34.09 23.56 -3.56
CA GLN D 98 32.82 22.93 -3.14
C GLN D 98 32.51 23.20 -1.67
N HIS D 99 33.55 23.27 -0.83
CA HIS D 99 33.37 23.74 0.55
C HIS D 99 32.83 25.19 0.58
N GLU D 100 33.35 26.05 -0.29
CA GLU D 100 32.86 27.44 -0.42
C GLU D 100 31.39 27.43 -0.85
N PHE D 101 31.08 26.57 -1.81
CA PHE D 101 29.70 26.40 -2.25
C PHE D 101 28.74 25.95 -1.15
N PHE D 102 29.14 24.93 -0.38
CA PHE D 102 28.30 24.44 0.70
C PHE D 102 27.92 25.56 1.66
N GLU D 103 28.90 26.42 1.98
CA GLU D 103 28.66 27.50 2.95
C GLU D 103 27.69 28.56 2.44
N GLU D 104 27.78 28.88 1.16
CA GLU D 104 26.86 29.84 0.53
C GLU D 104 25.44 29.27 0.43
N ALA D 105 25.36 28.00 0.04
CA ALA D 105 24.07 27.30 -0.02
C ALA D 105 23.41 27.14 1.34
N SER D 106 24.22 26.86 2.36
CA SER D 106 23.73 26.72 3.73
C SER D 106 23.11 28.04 4.20
N ALA D 107 23.72 29.15 3.81
CA ALA D 107 23.20 30.50 4.13
C ALA D 107 21.81 30.73 3.51
N ALA D 108 21.55 30.06 2.39
CA ALA D 108 20.22 30.11 1.77
C ALA D 108 19.25 29.10 2.38
N GLY D 109 19.72 28.30 3.32
CA GLY D 109 18.87 27.32 4.01
C GLY D 109 18.84 25.97 3.34
N LEU D 110 19.77 25.75 2.41
CA LEU D 110 19.88 24.47 1.71
C LEU D 110 20.92 23.58 2.37
N VAL D 111 20.60 23.05 3.53
CA VAL D 111 21.57 22.25 4.29
C VAL D 111 21.35 20.75 4.11
N TYR D 112 20.12 20.30 4.39
CA TYR D 112 19.77 18.88 4.25
C TYR D 112 18.84 18.67 3.07
N GLY D 113 19.03 17.57 2.36
CA GLY D 113 18.15 17.31 1.23
C GLY D 113 18.75 16.31 0.26
N LEU D 114 18.19 16.26 -0.93
CA LEU D 114 18.68 15.33 -1.93
C LEU D 114 18.32 15.87 -3.30
N THR D 115 19.01 15.33 -4.30
CA THR D 115 18.73 15.71 -5.69
C THR D 115 18.51 14.42 -6.47
N MET D 116 17.37 14.33 -7.16
CA MET D 116 17.05 13.21 -8.07
C MET D 116 17.40 13.64 -9.49
N PRO D 117 18.38 12.99 -10.12
CA PRO D 117 18.69 13.34 -11.49
C PRO D 117 17.50 13.04 -12.40
N LEU D 118 17.32 13.86 -13.42
CA LEU D 118 16.25 13.63 -14.41
C LEU D 118 16.87 13.35 -15.78
N HIS D 119 16.47 12.23 -16.37
CA HIS D 119 16.90 11.88 -17.71
C HIS D 119 15.65 11.47 -18.49
N GLY D 120 15.24 12.36 -19.38
CA GLY D 120 14.02 12.18 -20.15
C GLY D 120 14.13 11.25 -21.33
N ALA D 121 12.98 10.83 -21.83
CA ALA D 121 12.91 9.91 -22.96
C ALA D 121 13.52 10.51 -24.23
N ARG D 122 13.52 11.84 -24.32
CA ARG D 122 14.08 12.51 -25.47
C ARG D 122 15.43 13.15 -25.17
N GLY D 123 16.09 12.69 -24.12
CA GLY D 123 17.42 13.17 -23.79
C GLY D 123 17.44 14.38 -22.88
N GLU D 124 16.29 14.80 -22.40
CA GLU D 124 16.23 15.91 -21.45
C GLU D 124 17.09 15.58 -20.24
N LEU D 125 17.80 16.58 -19.75
CA LEU D 125 18.68 16.45 -18.60
C LEU D 125 18.19 17.40 -17.51
N GLY D 126 18.01 16.89 -16.30
CA GLY D 126 17.47 17.72 -15.24
C GLY D 126 17.74 17.25 -13.83
N ALA D 127 17.07 17.90 -12.88
CA ALA D 127 17.23 17.59 -11.48
C ALA D 127 15.98 17.99 -10.75
N LEU D 128 15.56 17.14 -9.83
CA LEU D 128 14.58 17.55 -8.85
C LEU D 128 15.30 17.56 -7.51
N SER D 129 15.54 18.76 -6.98
CA SER D 129 16.23 18.93 -5.69
C SER D 129 15.20 19.27 -4.63
N LEU D 130 15.30 18.62 -3.48
CA LEU D 130 14.34 18.78 -2.43
C LEU D 130 15.13 19.04 -1.15
N SER D 131 14.82 20.14 -0.47
CA SER D 131 15.49 20.44 0.81
C SER D 131 14.55 20.23 1.98
N VAL D 132 15.05 19.57 3.03
CA VAL D 132 14.27 19.28 4.23
C VAL D 132 14.77 20.12 5.39
N GLU D 133 13.84 20.76 6.09
CA GLU D 133 14.14 21.48 7.32
C GLU D 133 14.35 20.43 8.42
N ALA D 134 15.49 20.48 9.09
CA ALA D 134 15.79 19.51 10.15
C ALA D 134 16.78 20.04 11.16
N GLU D 135 16.72 19.50 12.38
CA GLU D 135 17.61 19.87 13.48
C GLU D 135 19.05 19.41 13.20
N ASN D 136 19.19 18.23 12.61
CA ASN D 136 20.48 17.60 12.37
C ASN D 136 20.41 16.56 11.26
N ARG D 137 21.58 16.09 10.82
CA ARG D 137 21.67 15.03 9.81
C ARG D 137 20.82 13.81 10.16
N ALA D 138 20.84 13.38 11.43
CA ALA D 138 20.08 12.22 11.86
C ALA D 138 18.59 12.29 11.51
N GLU D 139 17.90 13.37 11.90
CA GLU D 139 16.48 13.47 11.61
C GLU D 139 16.19 13.84 10.17
N ALA D 140 17.14 14.52 9.52
CA ALA D 140 17.03 14.80 8.09
C ALA D 140 16.92 13.50 7.32
N ASN D 141 17.81 12.56 7.63
CA ASN D 141 17.87 11.28 6.93
C ASN D 141 16.64 10.43 7.20
N ARG D 142 16.18 10.42 8.44
CA ARG D 142 14.94 9.75 8.79
C ARG D 142 13.74 10.33 8.03
N PHE D 143 13.64 11.66 7.97
CA PHE D 143 12.58 12.31 7.20
C PHE D 143 12.61 11.92 5.72
N MET D 144 13.81 11.90 5.13
CA MET D 144 13.94 11.59 3.70
C MET D 144 13.69 10.12 3.37
N GLU D 145 14.20 9.24 4.22
CA GLU D 145 14.04 7.79 4.00
C GLU D 145 12.57 7.39 4.04
N SER D 146 11.82 8.02 4.94
CA SER D 146 10.41 7.72 5.15
C SER D 146 9.55 7.97 3.91
N VAL D 147 10.04 8.84 3.01
CA VAL D 147 9.28 9.21 1.82
C VAL D 147 9.98 8.85 0.50
N LEU D 148 11.14 8.21 0.56
CA LEU D 148 11.98 7.99 -0.65
C LEU D 148 11.27 7.28 -1.81
N PRO D 149 10.55 6.16 -1.55
CA PRO D 149 9.86 5.49 -2.67
C PRO D 149 8.83 6.40 -3.34
N THR D 150 8.08 7.18 -2.54
CA THR D 150 7.16 8.17 -3.10
C THR D 150 7.88 9.22 -3.96
N LEU D 151 8.98 9.77 -3.43
CA LEU D 151 9.80 10.76 -4.15
C LEU D 151 10.32 10.20 -5.45
N TRP D 152 10.68 8.92 -5.42
CA TRP D 152 11.26 8.25 -6.57
C TRP D 152 10.22 8.18 -7.69
N MET D 153 8.96 7.94 -7.33
CA MET D 153 7.87 7.97 -8.32
C MET D 153 7.59 9.41 -8.76
N LEU D 154 7.52 10.32 -7.80
CA LEU D 154 7.33 11.75 -8.09
C LEU D 154 8.29 12.32 -9.13
N LYS D 155 9.57 12.01 -8.99
CA LYS D 155 10.53 12.63 -9.89
C LYS D 155 10.24 12.24 -11.35
N ASP D 156 9.82 10.99 -11.58
CA ASP D 156 9.50 10.54 -12.94
C ASP D 156 8.20 11.16 -13.46
N TYR D 157 7.19 11.26 -12.62
CA TYR D 157 5.96 11.96 -13.02
C TYR D 157 6.20 13.43 -13.32
N ALA D 158 7.01 14.09 -12.49
CA ALA D 158 7.36 15.49 -12.70
C ALA D 158 8.16 15.67 -13.99
N LEU D 159 9.07 14.75 -14.25
CA LEU D 159 9.87 14.79 -15.48
C LEU D 159 8.96 14.66 -16.73
N GLN D 160 8.09 13.65 -16.70
CA GLN D 160 7.27 13.35 -17.89
C GLN D 160 6.29 14.50 -18.16
N SER D 161 5.68 15.03 -17.09
CA SER D 161 4.80 16.19 -17.21
C SER D 161 5.55 17.49 -17.53
N GLY D 162 6.64 17.72 -16.79
CA GLY D 162 7.44 18.95 -16.93
C GLY D 162 8.12 19.13 -18.27
N ALA D 163 8.50 18.01 -18.89
CA ALA D 163 9.13 18.07 -20.21
C ALA D 163 8.24 18.79 -21.23
N GLY D 164 6.93 18.56 -21.16
CA GLY D 164 5.96 19.23 -22.04
C GLY D 164 5.86 20.70 -21.70
N LEU D 165 5.88 21.00 -20.41
CA LEU D 165 5.76 22.37 -19.93
C LEU D 165 7.01 23.20 -20.22
N ALA D 166 8.17 22.58 -20.08
CA ALA D 166 9.46 23.26 -20.21
C ALA D 166 9.71 23.79 -21.61
N PHE D 167 9.35 22.99 -22.61
CA PHE D 167 9.77 23.23 -24.00
C PHE D 167 8.57 23.31 -24.94
#